data_6LWJ
#
_entry.id   6LWJ
#
_cell.length_a   73.968
_cell.length_b   108.939
_cell.length_c   168.315
_cell.angle_alpha   90.000
_cell.angle_beta   90.000
_cell.angle_gamma   90.000
#
_symmetry.space_group_name_H-M   'P 21 21 21'
#
loop_
_entity.id
_entity.type
_entity.pdbx_description
1 polymer 'Endonuclease 8-like 1'
2 polymer "DNA (5'-D(*CP*GP*TP*CP*CP*AP*(UDH)P*GP*TP*CP*TP*AP*C)-3')"
3 polymer "DNA (5'-D(*TP*AP*GP*AP*CP*CP*TP*GP*GP*AP*CP*GP*G)-3')"
4 non-polymer GLYCEROL
5 water water
#
loop_
_entity_poly.entity_id
_entity_poly.type
_entity_poly.pdbx_seq_one_letter_code
_entity_poly.pdbx_strand_id
1 'polypeptide(L)'
;MGQGPELHLASQFVNEACRALVFGGCVEKSSVSRNPEVPFESSAYRISASARGKELRLILSPLPGAQPQQEPLALVFRFG
MSGSFQLVPREELPRHAHLRFYTAPPGPRLALCFVDIRRFGRWDLGGKWQPGRGPCVLQEYQQFRENVLRNLADKAFDRP
ICEALLDQRFFNGIGNYLRAEILYRLKIPPFEKARSVLEALQQHRPSPELTLSQKIRTKLQNPDLLELCHSVPKEVVQLG
GKGYGSESGEEDFAAFRAWLRCYGMPGMSSLQDRHGRTIWFQGDPGPLAPKGRKS
;
A,D,G
2 'polydeoxyribonucleotide' (DC)(DG)(DT)(DC)(DC)(DA)(UMC)(DG)(DT)(DC)(DT)(DA)(DC) B,E,H
3 'polydeoxyribonucleotide' (DT)(DA)(DG)(DA)(DC)(DC)(DT)(DG)(DG)(DA)(DC)(DG)(DG) C,F,I
#
loop_
_chem_comp.id
_chem_comp.type
_chem_comp.name
_chem_comp.formula
DA DNA linking 2'-DEOXYADENOSINE-5'-MONOPHOSPHATE 'C10 H14 N5 O6 P'
DC DNA linking 2'-DEOXYCYTIDINE-5'-MONOPHOSPHATE 'C9 H14 N3 O7 P'
DG DNA linking 2'-DEOXYGUANOSINE-5'-MONOPHOSPHATE 'C10 H14 N5 O7 P'
DT DNA linking THYMIDINE-5'-MONOPHOSPHATE 'C10 H15 N2 O8 P'
GOL non-polymer GLYCEROL 'C3 H8 O3'
UMC non-polymer '2'-deoxy-5'-uridylic acid' 'C9 H15 N2 O8 P'
#
# COMPACT_ATOMS: atom_id res chain seq x y z
N GLY A 2 -18.02 12.01 12.43
CA GLY A 2 -18.06 11.00 11.34
C GLY A 2 -18.38 9.59 11.83
N GLN A 3 -18.92 8.79 10.90
CA GLN A 3 -19.12 7.33 11.05
C GLN A 3 -18.17 6.67 10.06
N GLY A 4 -18.26 5.35 9.93
CA GLY A 4 -17.31 4.58 9.10
C GLY A 4 -17.03 5.29 7.79
N PRO A 5 -18.04 5.69 7.00
CA PRO A 5 -17.81 6.29 5.71
C PRO A 5 -16.95 7.56 5.81
N GLU A 6 -17.29 8.41 6.78
CA GLU A 6 -16.63 9.74 6.94
C GLU A 6 -15.15 9.50 7.27
N LEU A 7 -14.86 8.57 8.18
CA LEU A 7 -13.49 8.23 8.63
C LEU A 7 -12.74 7.67 7.43
N HIS A 8 -13.36 6.81 6.64
CA HIS A 8 -12.71 6.18 5.47
C HIS A 8 -12.34 7.28 4.47
N LEU A 9 -13.32 8.13 4.13
CA LEU A 9 -13.15 9.22 3.12
C LEU A 9 -12.08 10.21 3.61
N ALA A 10 -12.08 10.51 4.90
CA ALA A 10 -11.05 11.32 5.56
C ALA A 10 -9.69 10.69 5.32
N SER A 11 -9.56 9.37 5.46
CA SER A 11 -8.27 8.66 5.28
C SER A 11 -7.82 8.81 3.82
N GLN A 12 -8.73 8.63 2.86
CA GLN A 12 -8.44 8.79 1.42
C GLN A 12 -8.01 10.23 1.12
N PHE A 13 -8.64 11.19 1.80
CA PHE A 13 -8.36 12.64 1.62
C PHE A 13 -6.91 12.92 2.02
N VAL A 14 -6.56 12.54 3.26
CA VAL A 14 -5.18 12.72 3.78
C VAL A 14 -4.21 12.08 2.81
N ASN A 15 -4.45 10.86 2.34
CA ASN A 15 -3.45 10.13 1.51
C ASN A 15 -3.29 10.80 0.15
N GLU A 16 -4.36 11.25 -0.49
CA GLU A 16 -4.29 11.92 -1.81
C GLU A 16 -3.63 13.29 -1.62
N ALA A 17 -4.17 14.10 -0.72
CA ALA A 17 -3.74 15.48 -0.44
C ALA A 17 -2.24 15.50 -0.17
N CYS A 18 -1.75 14.55 0.62
CA CYS A 18 -0.39 14.57 1.23
C CYS A 18 0.59 13.73 0.41
N ARG A 19 0.11 13.04 -0.62
CA ARG A 19 0.89 12.09 -1.46
C ARG A 19 2.24 12.72 -1.81
N ALA A 20 2.23 13.96 -2.30
CA ALA A 20 3.45 14.59 -2.83
C ALA A 20 3.90 15.75 -1.95
N LEU A 21 3.58 15.76 -0.67
CA LEU A 21 3.97 16.88 0.22
C LEU A 21 4.99 16.36 1.21
N VAL A 22 5.92 17.22 1.63
CA VAL A 22 6.85 16.96 2.75
C VAL A 22 6.55 17.93 3.90
N PHE A 23 6.36 17.39 5.10
CA PHE A 23 6.14 18.17 6.33
C PHE A 23 7.48 18.29 7.06
N GLY A 24 7.59 19.35 7.86
CA GLY A 24 8.77 19.61 8.71
C GLY A 24 8.36 20.41 9.93
N GLY A 25 9.20 20.38 10.96
CA GLY A 25 8.99 21.17 12.18
C GLY A 25 8.13 20.40 13.15
N CYS A 26 7.34 21.11 13.93
CA CYS A 26 6.55 20.58 15.06
C CYS A 26 5.14 20.26 14.62
N VAL A 27 4.44 19.59 15.51
CA VAL A 27 2.98 19.36 15.37
C VAL A 27 2.30 20.28 16.38
N GLU A 28 1.74 21.38 15.86
CA GLU A 28 1.07 22.42 16.65
C GLU A 28 -0.33 21.95 17.05
N LYS A 29 -0.67 22.11 18.32
CA LYS A 29 -2.02 21.97 18.89
C LYS A 29 -2.60 23.35 19.21
N SER A 30 -3.90 23.54 19.04
CA SER A 30 -4.61 24.78 19.46
C SER A 30 -4.46 24.91 20.97
N SER A 31 -4.61 26.14 21.46
CA SER A 31 -4.51 26.44 22.90
C SER A 31 -5.69 25.80 23.62
N VAL A 32 -6.84 25.70 22.96
CA VAL A 32 -8.10 25.28 23.64
C VAL A 32 -8.16 23.76 23.80
N SER A 33 -7.43 22.97 23.01
CA SER A 33 -7.63 21.50 22.92
C SER A 33 -7.08 20.80 24.17
N ARG A 34 -7.86 19.96 24.81
CA ARG A 34 -7.46 19.16 26.01
C ARG A 34 -6.83 17.83 25.60
N ASN A 35 -6.77 17.47 24.31
CA ASN A 35 -5.98 16.32 23.82
C ASN A 35 -4.48 16.54 23.97
N PRO A 36 -3.65 15.49 23.94
CA PRO A 36 -2.22 15.60 24.24
C PRO A 36 -1.37 16.33 23.19
N GLU A 37 -0.33 17.05 23.64
CA GLU A 37 0.73 17.56 22.75
C GLU A 37 1.31 16.35 22.01
N VAL A 38 1.55 16.52 20.73
CA VAL A 38 2.17 15.48 19.86
C VAL A 38 3.68 15.70 19.89
N PRO A 39 4.44 14.89 20.66
CA PRO A 39 5.84 15.18 20.93
C PRO A 39 6.62 14.66 19.71
N PHE A 40 6.75 15.48 18.67
CA PHE A 40 7.29 15.06 17.36
C PHE A 40 7.72 16.29 16.57
N GLU A 41 8.96 16.21 16.11
CA GLU A 41 9.64 17.24 15.31
C GLU A 41 10.66 16.55 14.39
N SER A 42 10.57 16.88 13.09
CA SER A 42 11.47 16.39 12.02
C SER A 42 11.58 17.48 10.94
N SER A 43 12.78 17.64 10.39
CA SER A 43 13.11 18.50 9.24
C SER A 43 12.27 18.10 8.01
N ALA A 44 11.93 16.81 7.89
CA ALA A 44 11.23 16.27 6.71
C ALA A 44 10.50 14.99 7.10
N TYR A 45 9.16 14.96 6.98
CA TYR A 45 8.34 13.73 7.18
C TYR A 45 7.15 13.71 6.21
N ARG A 46 6.78 12.50 5.81
CA ARG A 46 5.54 12.24 5.04
C ARG A 46 4.47 11.82 6.04
N ILE A 47 3.21 12.15 5.76
CA ILE A 47 2.00 11.76 6.52
C ILE A 47 1.14 10.83 5.65
N SER A 48 0.67 9.72 6.22
CA SER A 48 -0.27 8.78 5.56
C SER A 48 -1.36 8.40 6.55
N ALA A 49 -2.47 7.89 6.06
CA ALA A 49 -3.63 7.59 6.90
C ALA A 49 -4.21 6.25 6.50
N SER A 50 -4.80 5.56 7.47
CA SER A 50 -5.74 4.46 7.23
C SER A 50 -6.90 4.65 8.21
N ALA A 51 -8.08 4.14 7.85
CA ALA A 51 -9.27 4.13 8.71
C ALA A 51 -9.57 2.68 9.10
N ARG A 52 -10.10 2.49 10.29
CA ARG A 52 -10.66 1.21 10.73
C ARG A 52 -11.88 1.51 11.56
N GLY A 53 -13.06 1.29 10.97
CA GLY A 53 -14.31 1.55 11.71
C GLY A 53 -14.43 3.03 11.96
N LYS A 54 -14.54 3.41 13.21
CA LYS A 54 -14.76 4.82 13.56
C LYS A 54 -13.47 5.45 14.06
N GLU A 55 -12.31 4.96 13.64
CA GLU A 55 -10.98 5.51 14.01
C GLU A 55 -10.12 5.68 12.76
N LEU A 56 -9.27 6.68 12.77
CA LEU A 56 -8.34 6.96 11.66
C LEU A 56 -6.94 7.03 12.25
N ARG A 57 -5.99 6.41 11.59
CA ARG A 57 -4.60 6.34 12.05
C ARG A 57 -3.76 7.14 11.07
N LEU A 58 -3.16 8.22 11.58
CA LEU A 58 -2.10 9.00 10.89
C LEU A 58 -0.78 8.38 11.32
N ILE A 59 0.14 8.22 10.37
CA ILE A 59 1.56 7.81 10.64
C ILE A 59 2.46 8.95 10.18
N LEU A 60 3.23 9.52 11.09
CA LEU A 60 4.25 10.55 10.77
C LEU A 60 5.59 9.84 10.56
N SER A 61 6.07 9.84 9.31
CA SER A 61 7.25 9.06 8.88
C SER A 61 8.35 10.01 8.42
N PRO A 62 9.42 10.24 9.21
CA PRO A 62 10.52 11.09 8.79
C PRO A 62 11.21 10.48 7.57
N LEU A 63 11.78 11.32 6.71
CA LEU A 63 12.62 10.87 5.57
C LEU A 63 13.95 10.34 6.13
N PRO A 64 14.58 9.38 5.43
CA PRO A 64 15.93 8.97 5.75
C PRO A 64 16.77 10.24 5.83
N GLY A 65 17.48 10.45 6.93
CA GLY A 65 18.43 11.57 7.10
C GLY A 65 17.87 12.70 7.93
N ALA A 66 16.55 12.75 8.03
CA ALA A 66 15.82 13.77 8.74
C ALA A 66 16.28 13.90 10.16
N GLN A 67 16.33 15.14 10.63
CA GLN A 67 16.79 15.39 11.97
C GLN A 67 15.71 15.94 12.86
N PRO A 68 15.71 15.56 14.13
CA PRO A 68 16.41 14.48 14.80
C PRO A 68 16.03 13.09 14.32
N GLN A 69 16.97 12.19 14.43
CA GLN A 69 16.70 10.85 14.00
C GLN A 69 15.70 10.33 14.96
N GLN A 70 14.65 9.77 14.43
CA GLN A 70 13.59 9.17 15.22
C GLN A 70 12.79 8.26 14.36
N GLU A 71 11.97 7.44 14.98
CA GLU A 71 11.17 6.52 14.24
C GLU A 71 9.80 7.05 14.03
N PRO A 72 9.14 6.60 12.99
CA PRO A 72 7.75 6.99 12.75
C PRO A 72 6.95 7.07 14.04
N LEU A 73 6.01 8.00 14.10
CA LEU A 73 5.02 8.14 15.19
C LEU A 73 3.61 7.96 14.65
N ALA A 74 2.80 7.20 15.37
CA ALA A 74 1.40 6.91 14.96
C ALA A 74 0.46 7.58 15.97
N LEU A 75 -0.59 8.18 15.43
CA LEU A 75 -1.67 8.83 16.18
C LEU A 75 -2.97 8.20 15.71
N VAL A 76 -3.81 7.83 16.64
CA VAL A 76 -5.19 7.44 16.25
C VAL A 76 -6.11 8.59 16.66
N PHE A 77 -7.02 8.95 15.77
CA PHE A 77 -8.11 9.93 15.99
C PHE A 77 -9.45 9.21 16.06
N ARG A 78 -10.31 9.72 16.91
CA ARG A 78 -11.77 9.52 16.89
C ARG A 78 -12.39 10.90 16.69
N PHE A 79 -13.43 11.01 15.88
CA PHE A 79 -13.89 12.33 15.37
C PHE A 79 -14.99 12.87 16.25
N GLY A 80 -15.60 12.05 17.08
CA GLY A 80 -16.81 12.54 17.75
C GLY A 80 -17.77 13.15 16.75
N MET A 81 -18.45 14.20 17.14
CA MET A 81 -19.64 14.67 16.39
C MET A 81 -19.21 15.43 15.13
N SER A 82 -18.03 16.09 15.13
CA SER A 82 -17.69 17.15 14.17
C SER A 82 -16.22 17.11 13.70
N GLY A 83 -15.46 16.08 13.99
CA GLY A 83 -14.08 15.97 13.51
C GLY A 83 -14.00 15.83 12.01
N SER A 84 -12.84 16.18 11.46
CA SER A 84 -12.52 16.19 10.00
C SER A 84 -11.06 16.60 9.79
N PHE A 85 -10.55 16.43 8.58
CA PHE A 85 -9.24 16.97 8.17
C PHE A 85 -9.40 17.94 6.99
N GLN A 86 -8.59 19.01 6.96
CA GLN A 86 -8.51 19.98 5.83
C GLN A 86 -7.04 20.25 5.50
N LEU A 87 -6.73 20.43 4.23
CA LEU A 87 -5.40 20.94 3.77
C LEU A 87 -5.62 22.40 3.37
N VAL A 88 -5.08 23.34 4.14
CA VAL A 88 -5.31 24.80 3.97
C VAL A 88 -3.98 25.53 3.83
N PRO A 89 -3.99 26.76 3.29
CA PRO A 89 -2.88 27.67 3.46
C PRO A 89 -2.50 27.93 4.92
N ARG A 90 -1.20 27.87 5.23
CA ARG A 90 -0.60 28.03 6.59
C ARG A 90 -1.18 29.26 7.30
N GLU A 91 -1.44 30.37 6.59
CA GLU A 91 -1.91 31.65 7.19
C GLU A 91 -3.42 31.80 7.04
N GLU A 92 -4.15 30.73 6.72
CA GLU A 92 -5.63 30.72 6.66
C GLU A 92 -6.17 29.45 7.32
N LEU A 93 -5.71 29.15 8.53
CA LEU A 93 -6.24 28.06 9.42
C LEU A 93 -7.74 28.29 9.62
N PRO A 94 -8.60 27.26 9.45
CA PRO A 94 -9.98 27.39 9.87
C PRO A 94 -10.10 27.55 11.39
N ARG A 95 -11.26 28.03 11.82
CA ARG A 95 -11.60 28.02 13.25
C ARG A 95 -11.75 26.54 13.65
N HIS A 96 -11.27 26.25 14.84
CA HIS A 96 -11.31 24.92 15.44
C HIS A 96 -10.33 23.99 14.73
N ALA A 97 -9.31 24.50 14.08
CA ALA A 97 -8.16 23.67 13.67
C ALA A 97 -7.36 23.39 14.94
N HIS A 98 -7.55 22.24 15.58
CA HIS A 98 -7.03 21.89 16.92
C HIS A 98 -5.67 21.19 16.83
N LEU A 99 -5.31 20.64 15.67
CA LEU A 99 -3.97 20.00 15.45
C LEU A 99 -3.57 20.23 14.01
N ARG A 100 -2.31 20.59 13.79
CA ARG A 100 -1.81 21.16 12.50
C ARG A 100 -0.41 20.59 12.23
N PHE A 101 -0.23 20.09 11.02
CA PHE A 101 1.05 19.63 10.45
C PHE A 101 1.39 20.58 9.31
N TYR A 102 2.60 21.13 9.33
CA TYR A 102 3.05 22.19 8.38
C TYR A 102 4.06 21.62 7.37
N THR A 103 3.76 21.82 6.09
CA THR A 103 4.66 21.49 4.95
C THR A 103 5.96 22.25 5.15
N ALA A 104 7.05 21.56 4.82
CA ALA A 104 8.47 21.94 5.02
C ALA A 104 8.85 23.11 4.12
N PRO A 105 9.88 23.90 4.54
CA PRO A 105 10.52 24.85 3.64
C PRO A 105 10.92 24.05 2.39
N PRO A 106 11.22 24.72 1.27
CA PRO A 106 10.19 25.31 0.41
C PRO A 106 9.24 24.42 -0.42
N GLY A 107 8.37 25.11 -1.15
CA GLY A 107 7.03 24.68 -1.59
C GLY A 107 6.02 25.68 -1.04
N PRO A 108 4.84 25.88 -1.70
CA PRO A 108 3.72 26.62 -1.10
C PRO A 108 3.29 26.13 0.30
N ARG A 109 3.30 27.03 1.28
CA ARG A 109 3.26 26.72 2.74
C ARG A 109 1.85 26.27 3.11
N LEU A 110 1.63 24.97 3.22
CA LEU A 110 0.29 24.42 3.53
C LEU A 110 0.27 23.89 4.96
N ALA A 111 -0.93 23.71 5.50
CA ALA A 111 -1.19 23.08 6.81
C ALA A 111 -2.28 22.01 6.65
N LEU A 112 -1.99 20.80 7.10
CA LEU A 112 -3.02 19.73 7.31
C LEU A 112 -3.53 19.91 8.71
N CYS A 113 -4.85 20.03 8.87
CA CYS A 113 -5.48 20.39 10.17
C CYS A 113 -6.54 19.39 10.51
N PHE A 114 -6.50 18.86 11.72
CA PHE A 114 -7.66 18.18 12.35
C PHE A 114 -8.59 19.27 12.87
N VAL A 115 -9.78 19.37 12.29
CA VAL A 115 -10.80 20.45 12.56
C VAL A 115 -11.98 19.78 13.23
N ASP A 116 -12.31 20.24 14.44
CA ASP A 116 -13.33 19.62 15.32
C ASP A 116 -14.03 20.74 16.06
N ILE A 117 -15.11 21.27 15.49
CA ILE A 117 -15.94 22.37 16.05
C ILE A 117 -16.21 22.08 17.52
N ARG A 118 -16.79 20.92 17.82
CA ARG A 118 -17.38 20.65 19.15
C ARG A 118 -16.34 20.07 20.12
N ARG A 119 -15.17 19.65 19.62
CA ARG A 119 -14.03 19.12 20.40
C ARG A 119 -14.39 17.83 21.13
N PHE A 120 -15.34 17.08 20.62
CA PHE A 120 -15.71 15.74 21.14
C PHE A 120 -14.69 14.72 20.66
N GLY A 121 -14.07 14.99 19.52
CA GLY A 121 -12.99 14.14 19.01
C GLY A 121 -11.81 14.10 19.93
N ARG A 122 -11.03 13.04 19.83
CA ARG A 122 -9.86 12.74 20.70
C ARG A 122 -8.75 12.16 19.84
N TRP A 123 -7.50 12.31 20.28
CA TRP A 123 -6.37 11.54 19.67
C TRP A 123 -5.48 10.93 20.76
N ASP A 124 -4.85 9.82 20.43
CA ASP A 124 -3.94 9.08 21.32
C ASP A 124 -2.55 8.97 20.69
N LEU A 125 -1.52 9.25 21.49
CA LEU A 125 -0.15 8.89 21.08
C LEU A 125 -0.10 7.35 21.04
N GLY A 126 0.43 6.77 19.96
CA GLY A 126 0.42 5.31 19.78
C GLY A 126 -0.56 4.92 18.68
N GLY A 127 -0.15 3.97 17.86
CA GLY A 127 -0.92 3.61 16.66
C GLY A 127 -2.04 2.62 16.91
N LYS A 128 -2.11 2.07 18.12
CA LYS A 128 -3.05 0.97 18.45
C LYS A 128 -4.49 1.44 18.21
N TRP A 129 -5.26 0.63 17.47
CA TRP A 129 -6.74 0.71 17.43
C TRP A 129 -7.23 0.47 18.84
N GLN A 130 -8.44 0.89 19.09
CA GLN A 130 -8.96 0.83 20.45
C GLN A 130 -9.23 -0.62 20.75
N PRO A 131 -8.64 -1.18 21.82
CA PRO A 131 -8.83 -2.60 22.11
C PRO A 131 -10.33 -2.74 22.37
N GLY A 132 -10.95 -3.83 21.92
CA GLY A 132 -12.38 -4.03 22.18
C GLY A 132 -13.25 -3.54 21.05
N ARG A 133 -12.83 -2.57 20.24
CA ARG A 133 -13.59 -2.29 18.99
C ARG A 133 -13.47 -3.54 18.13
N GLY A 134 -14.59 -3.98 17.57
CA GLY A 134 -14.65 -5.08 16.58
C GLY A 134 -14.05 -4.68 15.25
N PRO A 135 -14.04 -5.58 14.24
CA PRO A 135 -13.44 -5.33 12.94
C PRO A 135 -14.27 -4.35 12.12
N CYS A 136 -13.65 -3.67 11.16
CA CYS A 136 -14.27 -2.57 10.40
C CYS A 136 -15.36 -3.18 9.47
N VAL A 137 -16.59 -2.66 9.57
CA VAL A 137 -17.70 -3.14 8.74
C VAL A 137 -17.40 -2.86 7.26
N LEU A 138 -16.56 -1.87 7.01
CA LEU A 138 -16.19 -1.57 5.61
C LEU A 138 -15.05 -2.48 5.16
N GLN A 139 -13.93 -2.53 5.86
CA GLN A 139 -12.71 -3.16 5.30
C GLN A 139 -12.48 -4.56 5.85
N GLU A 140 -13.27 -5.02 6.81
CA GLU A 140 -13.03 -6.35 7.43
C GLU A 140 -14.37 -7.11 7.46
N TYR A 141 -15.15 -7.05 6.39
CA TYR A 141 -16.58 -7.53 6.40
C TYR A 141 -16.67 -8.97 6.90
N GLN A 142 -15.94 -9.90 6.32
CA GLN A 142 -16.14 -11.32 6.71
C GLN A 142 -15.75 -11.46 8.20
N GLN A 143 -14.71 -10.76 8.65
CA GLN A 143 -14.25 -10.85 10.07
C GLN A 143 -15.30 -10.25 11.00
N PHE A 144 -15.86 -9.11 10.62
CA PHE A 144 -16.98 -8.44 11.32
C PHE A 144 -18.18 -9.39 11.39
N ARG A 145 -18.48 -10.05 10.27
CA ARG A 145 -19.72 -10.88 10.15
C ARG A 145 -19.57 -12.03 11.15
N GLU A 146 -18.42 -12.70 11.12
CA GLU A 146 -18.14 -13.89 11.96
C GLU A 146 -18.11 -13.41 13.41
N ASN A 147 -17.51 -12.25 13.70
CA ASN A 147 -17.37 -11.73 15.09
C ASN A 147 -18.74 -11.55 15.72
N VAL A 148 -19.78 -11.27 14.93
CA VAL A 148 -21.17 -11.16 15.44
C VAL A 148 -21.77 -12.55 15.58
N LEU A 149 -21.90 -13.33 14.51
CA LEU A 149 -22.66 -14.61 14.56
C LEU A 149 -22.03 -15.58 15.57
N ARG A 150 -20.71 -15.51 15.76
CA ARG A 150 -19.93 -16.41 16.64
C ARG A 150 -20.12 -15.98 18.09
N ASN A 151 -20.61 -14.77 18.38
CA ASN A 151 -20.75 -14.31 19.81
C ASN A 151 -22.16 -13.81 20.12
N LEU A 152 -23.21 -14.40 19.55
CA LEU A 152 -24.60 -13.91 19.79
C LEU A 152 -24.99 -14.12 21.25
N ALA A 153 -24.33 -15.03 21.99
CA ALA A 153 -24.67 -15.35 23.40
C ALA A 153 -24.34 -14.13 24.30
N ASP A 154 -23.36 -13.31 23.90
CA ASP A 154 -22.89 -12.09 24.62
C ASP A 154 -24.09 -11.18 24.97
N LYS A 155 -24.02 -10.51 26.11
CA LYS A 155 -25.15 -9.75 26.69
C LYS A 155 -25.44 -8.51 25.82
N ALA A 156 -24.49 -8.07 25.01
CA ALA A 156 -24.71 -6.91 24.12
C ALA A 156 -25.94 -7.15 23.24
N PHE A 157 -26.23 -8.41 22.86
CA PHE A 157 -27.32 -8.77 21.92
C PHE A 157 -28.66 -8.91 22.63
N ASP A 158 -28.68 -8.73 23.96
CA ASP A 158 -29.93 -8.61 24.75
C ASP A 158 -30.65 -7.31 24.38
N ARG A 159 -29.89 -6.29 24.02
CA ARG A 159 -30.42 -4.93 23.82
C ARG A 159 -31.25 -4.88 22.54
N PRO A 160 -32.10 -3.85 22.37
CA PRO A 160 -32.77 -3.61 21.10
C PRO A 160 -31.75 -3.59 19.96
N ILE A 161 -32.16 -4.05 18.79
CA ILE A 161 -31.25 -4.15 17.62
C ILE A 161 -30.71 -2.75 17.36
N CYS A 162 -31.53 -1.70 17.48
CA CYS A 162 -31.11 -0.31 17.13
C CYS A 162 -30.02 0.15 18.09
N GLU A 163 -30.01 -0.35 19.33
CA GLU A 163 -28.95 -0.03 20.32
C GLU A 163 -27.72 -0.90 20.05
N ALA A 164 -27.89 -2.21 19.83
CA ALA A 164 -26.76 -3.12 19.52
C ALA A 164 -25.97 -2.60 18.32
N LEU A 165 -26.63 -2.06 17.30
CA LEU A 165 -25.97 -1.56 16.07
C LEU A 165 -24.98 -0.44 16.39
N LEU A 166 -25.05 0.21 17.55
CA LEU A 166 -24.11 1.30 17.93
C LEU A 166 -22.99 0.75 18.84
N ASP A 167 -23.08 -0.50 19.29
CA ASP A 167 -22.05 -1.14 20.14
C ASP A 167 -20.79 -1.40 19.32
N GLN A 168 -19.78 -0.58 19.42
CA GLN A 168 -18.62 -0.59 18.50
C GLN A 168 -17.78 -1.87 18.72
N ARG A 169 -18.11 -2.67 19.71
CA ARG A 169 -17.41 -3.96 19.96
C ARG A 169 -17.75 -4.94 18.84
N PHE A 170 -18.91 -4.72 18.21
CA PHE A 170 -19.49 -5.62 17.16
C PHE A 170 -19.84 -4.87 15.88
N PHE A 171 -20.03 -3.56 15.91
CA PHE A 171 -20.44 -2.79 14.71
C PHE A 171 -19.58 -1.54 14.58
N ASN A 172 -18.27 -1.79 14.64
CA ASN A 172 -17.23 -0.75 14.54
C ASN A 172 -17.45 0.01 13.26
N GLY A 173 -17.90 1.26 13.33
CA GLY A 173 -18.14 2.12 12.16
C GLY A 173 -19.60 2.52 12.07
N ILE A 174 -20.51 1.77 12.68
CA ILE A 174 -21.96 2.05 12.54
C ILE A 174 -22.32 3.14 13.54
N GLY A 175 -22.93 4.21 13.06
CA GLY A 175 -23.50 5.29 13.88
C GLY A 175 -24.94 5.59 13.51
N ASN A 176 -25.41 6.74 13.95
CA ASN A 176 -26.86 6.96 14.10
C ASN A 176 -27.60 6.92 12.75
N TYR A 177 -27.15 7.68 11.74
CA TYR A 177 -27.87 7.69 10.44
C TYR A 177 -27.77 6.26 9.88
N LEU A 178 -26.62 5.60 10.06
CA LEU A 178 -26.44 4.26 9.46
C LEU A 178 -27.44 3.28 10.05
N ARG A 179 -27.70 3.29 11.37
CA ARG A 179 -28.61 2.28 11.95
C ARG A 179 -30.03 2.52 11.40
N ALA A 180 -30.46 3.76 11.32
CA ALA A 180 -31.80 4.08 10.78
C ALA A 180 -31.91 3.57 9.34
N GLU A 181 -30.89 3.82 8.52
CA GLU A 181 -30.95 3.55 7.08
C GLU A 181 -30.90 2.03 6.85
N ILE A 182 -30.11 1.32 7.68
CA ILE A 182 -29.93 -0.15 7.57
C ILE A 182 -31.27 -0.82 7.91
N LEU A 183 -31.88 -0.48 9.04
CA LEU A 183 -33.13 -1.14 9.50
C LEU A 183 -34.30 -0.80 8.57
N TYR A 184 -34.39 0.44 8.07
CA TYR A 184 -35.49 0.84 7.16
C TYR A 184 -35.46 -0.02 5.90
N ARG A 185 -34.29 -0.39 5.42
CA ARG A 185 -34.14 -1.19 4.18
C ARG A 185 -34.67 -2.60 4.38
N LEU A 186 -34.66 -3.14 5.61
CA LEU A 186 -35.26 -4.48 5.86
C LEU A 186 -36.57 -4.33 6.65
N LYS A 187 -37.09 -3.11 6.80
CA LYS A 187 -38.32 -2.83 7.59
C LYS A 187 -38.30 -3.69 8.87
N ILE A 188 -37.17 -3.74 9.56
CA ILE A 188 -37.03 -4.37 10.91
C ILE A 188 -37.40 -3.30 11.93
N PRO A 189 -38.40 -3.55 12.81
CA PRO A 189 -38.59 -2.70 13.97
C PRO A 189 -37.31 -2.46 14.78
N PRO A 190 -36.98 -1.19 15.10
CA PRO A 190 -35.75 -0.87 15.80
C PRO A 190 -35.66 -1.45 17.21
N PHE A 191 -36.79 -1.76 17.82
CA PHE A 191 -36.83 -2.29 19.22
C PHE A 191 -37.20 -3.77 19.22
N GLU A 192 -37.04 -4.45 18.09
CA GLU A 192 -36.89 -5.91 18.07
C GLU A 192 -35.63 -6.21 18.89
N LYS A 193 -35.55 -7.36 19.57
CA LYS A 193 -34.33 -7.76 20.32
C LYS A 193 -33.26 -8.17 19.31
N ALA A 194 -32.03 -7.73 19.53
CA ALA A 194 -30.91 -7.96 18.59
C ALA A 194 -30.72 -9.48 18.37
N ARG A 195 -30.68 -10.28 19.45
CA ARG A 195 -30.47 -11.74 19.28
C ARG A 195 -31.55 -12.29 18.35
N SER A 196 -32.82 -11.99 18.58
CA SER A 196 -33.97 -12.45 17.73
C SER A 196 -33.71 -12.18 16.23
N VAL A 197 -33.18 -11.00 15.86
CA VAL A 197 -33.06 -10.62 14.43
C VAL A 197 -31.90 -11.40 13.81
N LEU A 198 -30.83 -11.57 14.59
CA LEU A 198 -29.54 -12.18 14.15
C LEU A 198 -29.58 -13.72 14.27
N GLU A 199 -30.36 -14.30 15.19
CA GLU A 199 -30.52 -15.80 15.24
C GLU A 199 -30.89 -16.31 13.84
N ALA A 200 -31.86 -15.67 13.19
CA ALA A 200 -32.34 -15.95 11.81
C ALA A 200 -31.17 -16.33 10.87
N LEU A 201 -30.07 -15.57 10.89
CA LEU A 201 -28.96 -15.63 9.91
C LEU A 201 -28.00 -16.81 10.18
N GLN A 202 -28.42 -17.80 10.97
CA GLN A 202 -27.81 -19.16 11.05
C GLN A 202 -28.64 -20.14 10.19
N ASN A 222 -31.55 -12.07 -1.19
CA ASN A 222 -31.70 -11.24 0.04
C ASN A 222 -30.31 -10.84 0.57
N PRO A 223 -29.89 -9.56 0.45
CA PRO A 223 -28.85 -9.01 1.32
C PRO A 223 -29.51 -8.88 2.69
N ASP A 224 -28.91 -9.49 3.71
CA ASP A 224 -29.45 -9.60 5.11
C ASP A 224 -28.88 -8.46 5.97
N LEU A 225 -29.20 -8.43 7.27
CA LEU A 225 -28.87 -7.29 8.18
C LEU A 225 -27.35 -7.11 8.33
N LEU A 226 -26.59 -8.18 8.45
CA LEU A 226 -25.12 -8.05 8.56
C LEU A 226 -24.53 -7.62 7.21
N GLU A 227 -25.00 -8.11 6.07
CA GLU A 227 -24.52 -7.60 4.75
C GLU A 227 -24.80 -6.10 4.64
N LEU A 228 -25.96 -5.62 5.08
CA LEU A 228 -26.29 -4.19 4.96
C LEU A 228 -25.35 -3.37 5.85
N CYS A 229 -24.88 -3.92 6.97
CA CYS A 229 -23.91 -3.23 7.85
C CYS A 229 -22.65 -2.91 7.05
N HIS A 230 -22.41 -3.66 5.98
CA HIS A 230 -21.27 -3.44 5.07
C HIS A 230 -21.73 -2.61 3.87
N SER A 231 -22.73 -3.08 3.14
CA SER A 231 -23.09 -2.52 1.81
C SER A 231 -23.65 -1.10 1.98
N VAL A 232 -24.32 -0.80 3.09
CA VAL A 232 -24.97 0.53 3.24
C VAL A 232 -23.88 1.60 3.41
N PRO A 233 -22.94 1.48 4.37
CA PRO A 233 -21.84 2.41 4.43
C PRO A 233 -21.02 2.49 3.14
N LYS A 234 -20.89 1.40 2.42
CA LYS A 234 -20.11 1.37 1.16
C LYS A 234 -20.82 2.30 0.17
N GLU A 235 -22.14 2.41 0.26
CA GLU A 235 -22.92 3.29 -0.64
C GLU A 235 -22.52 4.74 -0.38
N VAL A 236 -22.45 5.10 0.88
CA VAL A 236 -22.06 6.46 1.33
C VAL A 236 -20.66 6.77 0.80
N VAL A 237 -19.73 5.83 0.87
CA VAL A 237 -18.34 6.01 0.36
C VAL A 237 -18.38 6.30 -1.14
N GLN A 238 -19.23 5.61 -1.90
CA GLN A 238 -19.25 5.77 -3.36
C GLN A 238 -19.88 7.12 -3.73
N LEU A 239 -20.65 7.73 -2.83
CA LEU A 239 -21.15 9.12 -3.03
C LEU A 239 -19.96 10.06 -3.15
N GLY A 240 -18.89 9.75 -2.43
CA GLY A 240 -17.61 10.46 -2.52
C GLY A 240 -17.60 11.63 -1.56
N GLY A 241 -16.58 12.49 -1.71
CA GLY A 241 -16.42 13.84 -1.12
C GLY A 241 -16.91 13.97 0.32
N LYS A 242 -18.01 14.73 0.54
CA LYS A 242 -18.63 15.11 1.85
C LYS A 242 -17.58 15.82 2.71
N GLY A 243 -17.10 16.98 2.22
CA GLY A 243 -16.02 17.79 2.81
C GLY A 243 -14.63 17.24 2.51
N TYR A 244 -14.49 16.45 1.42
CA TYR A 244 -13.31 15.62 1.06
C TYR A 244 -13.14 15.59 -0.47
N GLY A 249 -16.98 21.49 -2.42
CA GLY A 249 -17.70 20.22 -2.21
C GLY A 249 -18.95 20.41 -1.35
N GLU A 250 -19.96 21.14 -1.86
CA GLU A 250 -21.22 21.49 -1.14
C GLU A 250 -22.39 20.65 -1.67
N GLU A 251 -22.48 20.46 -3.00
CA GLU A 251 -23.49 19.55 -3.64
C GLU A 251 -23.20 18.10 -3.22
N ASP A 252 -21.96 17.77 -2.80
CA ASP A 252 -21.59 16.53 -2.05
C ASP A 252 -22.61 16.25 -0.93
N PHE A 253 -22.95 17.29 -0.15
CA PHE A 253 -23.92 17.26 0.97
C PHE A 253 -25.35 16.99 0.42
N ALA A 254 -25.74 17.67 -0.64
CA ALA A 254 -27.05 17.49 -1.33
C ALA A 254 -27.21 16.05 -1.79
N ALA A 255 -26.14 15.46 -2.35
CA ALA A 255 -26.09 14.06 -2.84
C ALA A 255 -26.39 13.08 -1.69
N PHE A 256 -25.86 13.38 -0.49
CA PHE A 256 -26.11 12.60 0.74
C PHE A 256 -27.57 12.71 1.18
N ARG A 257 -28.11 13.92 1.26
CA ARG A 257 -29.48 14.16 1.81
C ARG A 257 -30.49 13.44 0.90
N ALA A 258 -30.17 13.38 -0.40
CA ALA A 258 -30.94 12.68 -1.46
C ALA A 258 -30.90 11.16 -1.25
N TRP A 259 -29.71 10.62 -0.93
CA TRP A 259 -29.46 9.18 -0.67
C TRP A 259 -30.29 8.69 0.51
N LEU A 260 -30.45 9.52 1.54
CA LEU A 260 -31.17 9.14 2.78
C LEU A 260 -32.62 8.78 2.43
N ARG A 261 -33.12 7.68 2.99
CA ARG A 261 -34.52 7.24 2.85
C ARG A 261 -35.29 7.35 4.18
N CYS A 262 -34.59 7.31 5.32
CA CYS A 262 -35.25 7.22 6.65
C CYS A 262 -34.80 8.37 7.55
N TYR A 263 -33.52 8.45 7.89
CA TYR A 263 -33.01 9.35 8.94
C TYR A 263 -33.42 10.78 8.60
N GLY A 264 -34.19 11.42 9.48
CA GLY A 264 -34.65 12.82 9.36
C GLY A 264 -35.55 13.06 8.16
N MET A 265 -36.08 12.01 7.54
CA MET A 265 -36.97 12.14 6.35
C MET A 265 -38.40 12.40 6.79
N PRO A 266 -39.10 13.36 6.14
CA PRO A 266 -40.51 13.58 6.38
C PRO A 266 -41.29 12.26 6.31
N GLY A 267 -42.24 12.08 7.21
CA GLY A 267 -43.18 10.94 7.22
C GLY A 267 -42.62 9.73 7.96
N MET A 268 -41.43 9.86 8.55
CA MET A 268 -40.84 8.74 9.33
C MET A 268 -41.12 9.01 10.81
N SER A 269 -41.23 7.97 11.64
CA SER A 269 -41.28 8.07 13.11
C SER A 269 -39.88 8.33 13.64
N SER A 270 -39.76 8.73 14.90
CA SER A 270 -38.48 8.81 15.66
C SER A 270 -38.79 8.50 17.13
N LEU A 271 -37.88 7.85 17.84
CA LEU A 271 -37.94 7.69 19.31
C LEU A 271 -36.54 7.89 19.89
N GLN A 272 -36.48 8.02 21.21
CA GLN A 272 -35.23 7.98 22.02
C GLN A 272 -34.93 6.53 22.38
N ASP A 273 -33.69 6.05 22.15
CA ASP A 273 -33.18 4.79 22.74
C ASP A 273 -32.80 5.09 24.19
N ARG A 274 -32.34 4.09 24.94
CA ARG A 274 -32.14 4.22 26.41
C ARG A 274 -30.92 5.10 26.69
N HIS A 275 -30.08 5.43 25.72
CA HIS A 275 -28.96 6.39 25.95
C HIS A 275 -29.31 7.76 25.38
N GLY A 276 -30.58 7.97 25.03
CA GLY A 276 -31.12 9.29 24.64
C GLY A 276 -30.78 9.65 23.20
N ARG A 277 -30.35 8.68 22.38
CA ARG A 277 -30.07 8.88 20.94
C ARG A 277 -31.32 8.56 20.09
N THR A 278 -31.60 9.42 19.11
CA THR A 278 -32.80 9.37 18.25
C THR A 278 -32.62 8.29 17.19
N ILE A 279 -33.51 7.30 17.17
CA ILE A 279 -33.64 6.28 16.09
C ILE A 279 -34.84 6.67 15.19
N TRP A 280 -34.60 6.77 13.88
CA TRP A 280 -35.62 6.97 12.82
C TRP A 280 -36.00 5.61 12.23
N PHE A 281 -37.28 5.44 11.87
CA PHE A 281 -37.88 4.17 11.38
C PHE A 281 -39.26 4.47 10.76
N GLN A 282 -39.82 3.47 10.07
CA GLN A 282 -41.19 3.44 9.50
C GLN A 282 -41.99 2.37 10.26
N GLY A 283 -43.19 2.70 10.69
CA GLY A 283 -44.15 1.72 11.24
C GLY A 283 -43.74 1.18 12.61
N ASP A 284 -43.73 -0.14 12.75
CA ASP A 284 -43.72 -0.85 14.05
C ASP A 284 -42.50 -0.41 14.82
N PRO A 285 -42.66 0.27 15.98
CA PRO A 285 -41.56 0.61 16.87
C PRO A 285 -40.83 -0.63 17.39
N GLY A 286 -41.58 -1.66 17.78
CA GLY A 286 -41.00 -2.94 18.25
C GLY A 286 -41.18 -3.13 19.74
N PRO A 287 -41.01 -4.37 20.24
CA PRO A 287 -41.39 -4.71 21.61
C PRO A 287 -40.66 -3.92 22.71
N LEU A 288 -39.35 -3.68 22.62
CA LEU A 288 -38.55 -3.16 23.78
C LEU A 288 -38.52 -1.62 23.79
N ALA A 289 -39.53 -0.96 23.25
CA ALA A 289 -39.62 0.51 23.22
C ALA A 289 -39.73 1.07 24.63
N PRO A 290 -39.16 2.26 24.91
CA PRO A 290 -39.44 2.96 26.15
C PRO A 290 -40.87 3.54 26.11
P UMC B 7 -27.03 12.56 15.39
N1 UMC B 7 -21.81 13.12 11.35
C2 UMC B 7 -21.47 12.72 10.14
O2 UMC B 7 -21.43 11.54 9.85
N3 UMC B 7 -21.22 13.62 9.20
C4 UMC B 7 -21.28 14.91 9.41
O4 UMC B 7 -21.21 15.64 8.44
C5 UMC B 7 -21.49 15.49 10.80
C6 UMC B 7 -22.11 14.49 11.77
C1' UMC B 7 -22.06 12.06 12.34
O1P UMC B 7 -27.51 11.57 14.34
C2' UMC B 7 -21.52 12.26 13.74
O2P UMC B 7 -27.61 12.30 16.74
C3' UMC B 7 -22.51 11.45 14.53
O3' UMC B 7 -22.13 10.13 14.27
C4' UMC B 7 -23.81 11.67 13.81
O4' UMC B 7 -23.47 11.99 12.49
C5' UMC B 7 -24.68 12.84 14.29
O5' UMC B 7 -25.43 12.48 15.45
N GLY D 2 -9.04 -23.58 -6.91
CA GLY D 2 -10.23 -22.69 -6.93
C GLY D 2 -9.94 -21.37 -7.60
N GLN D 3 -11.02 -20.69 -7.99
CA GLN D 3 -11.03 -19.29 -8.44
C GLN D 3 -11.75 -18.50 -7.36
N GLY D 4 -11.96 -17.22 -7.59
CA GLY D 4 -12.55 -16.37 -6.56
C GLY D 4 -13.74 -17.00 -5.89
N PRO D 5 -14.75 -17.54 -6.62
CA PRO D 5 -15.91 -18.10 -5.96
C PRO D 5 -15.54 -19.25 -5.02
N GLU D 6 -14.63 -20.09 -5.45
CA GLU D 6 -14.23 -21.29 -4.69
C GLU D 6 -13.55 -20.84 -3.38
N LEU D 7 -12.62 -19.89 -3.48
CA LEU D 7 -11.89 -19.32 -2.33
C LEU D 7 -12.89 -18.65 -1.39
N HIS D 8 -13.86 -17.93 -1.92
CA HIS D 8 -14.88 -17.26 -1.09
C HIS D 8 -15.70 -18.31 -0.33
N LEU D 9 -16.20 -19.31 -1.05
CA LEU D 9 -17.07 -20.41 -0.50
C LEU D 9 -16.28 -21.20 0.54
N ALA D 10 -14.99 -21.43 0.27
CA ALA D 10 -14.06 -22.06 1.22
C ALA D 10 -14.01 -21.22 2.50
N SER D 11 -13.95 -19.89 2.39
CA SER D 11 -13.85 -19.02 3.58
C SER D 11 -15.17 -19.13 4.37
N GLN D 12 -16.32 -19.15 3.69
CA GLN D 12 -17.64 -19.29 4.36
C GLN D 12 -17.72 -20.64 5.04
N PHE D 13 -17.10 -21.66 4.43
CA PHE D 13 -17.12 -23.05 4.97
C PHE D 13 -16.38 -23.07 6.30
N VAL D 14 -15.14 -22.59 6.30
CA VAL D 14 -14.30 -22.48 7.52
C VAL D 14 -15.09 -21.72 8.58
N ASN D 15 -15.72 -20.60 8.25
CA ASN D 15 -16.41 -19.73 9.25
C ASN D 15 -17.62 -20.46 9.83
N GLU D 16 -18.44 -21.12 9.01
CA GLU D 16 -19.70 -21.76 9.50
C GLU D 16 -19.34 -23.04 10.25
N ALA D 17 -18.54 -23.90 9.64
CA ALA D 17 -18.13 -25.19 10.23
C ALA D 17 -17.45 -24.94 11.58
N CYS D 18 -16.58 -23.93 11.69
CA CYS D 18 -15.72 -23.73 12.89
C CYS D 18 -16.39 -22.79 13.91
N ARG D 19 -17.58 -22.28 13.61
CA ARG D 19 -18.26 -21.25 14.42
C ARG D 19 -18.34 -21.71 15.85
N ALA D 20 -18.72 -22.95 16.09
CA ALA D 20 -18.88 -23.48 17.46
C ALA D 20 -17.82 -24.52 17.80
N LEU D 21 -16.63 -24.47 17.21
CA LEU D 21 -15.56 -25.42 17.55
C LEU D 21 -14.46 -24.65 18.25
N VAL D 22 -13.76 -25.34 19.12
CA VAL D 22 -12.50 -24.88 19.75
C VAL D 22 -11.39 -25.85 19.33
N PHE D 23 -10.29 -25.32 18.82
CA PHE D 23 -9.06 -26.08 18.46
C PHE D 23 -8.08 -25.93 19.63
N GLY D 24 -7.18 -26.91 19.75
CA GLY D 24 -6.08 -26.94 20.72
C GLY D 24 -4.87 -27.69 20.15
N GLY D 25 -3.69 -27.35 20.60
CA GLY D 25 -2.47 -28.05 20.19
C GLY D 25 -1.79 -27.33 19.07
N CYS D 26 -1.06 -28.08 18.26
CA CYS D 26 -0.15 -27.53 17.22
C CYS D 26 -0.83 -27.56 15.85
N VAL D 27 -0.14 -27.02 14.86
CA VAL D 27 -0.62 -27.04 13.45
C VAL D 27 0.26 -27.99 12.63
N GLU D 28 -0.26 -29.20 12.42
CA GLU D 28 0.46 -30.35 11.79
C GLU D 28 0.49 -30.19 10.26
N LYS D 29 1.67 -30.34 9.68
CA LYS D 29 1.93 -30.30 8.22
C LYS D 29 2.37 -31.70 7.78
N SER D 30 1.94 -32.15 6.59
CA SER D 30 2.41 -33.41 5.97
C SER D 30 3.93 -33.33 5.76
N SER D 31 4.59 -34.46 5.68
CA SER D 31 6.07 -34.53 5.52
C SER D 31 6.43 -34.01 4.13
N VAL D 32 5.56 -34.31 3.15
CA VAL D 32 5.91 -34.13 1.71
C VAL D 32 5.71 -32.66 1.32
N SER D 33 4.94 -31.88 2.08
CA SER D 33 4.68 -30.43 1.80
C SER D 33 5.95 -29.58 1.93
N ARG D 34 6.28 -28.79 0.90
CA ARG D 34 7.45 -27.87 0.86
C ARG D 34 7.11 -26.50 1.45
N ASN D 35 5.85 -26.26 1.80
CA ASN D 35 5.41 -25.03 2.51
C ASN D 35 5.97 -25.00 3.93
N PRO D 36 5.99 -23.83 4.60
CA PRO D 36 6.59 -23.70 5.92
C PRO D 36 5.81 -24.33 7.08
N GLU D 37 6.54 -24.84 8.08
CA GLU D 37 5.93 -25.29 9.35
C GLU D 37 5.26 -24.05 9.95
N VAL D 38 4.07 -24.25 10.51
CA VAL D 38 3.25 -23.19 11.13
C VAL D 38 3.57 -23.17 12.61
N PRO D 39 4.43 -22.24 13.09
CA PRO D 39 4.89 -22.27 14.48
C PRO D 39 3.78 -21.62 15.31
N PHE D 40 2.88 -22.45 15.82
CA PHE D 40 1.68 -22.02 16.57
C PHE D 40 1.18 -23.16 17.44
N GLU D 41 0.92 -22.85 18.72
CA GLU D 41 0.29 -23.79 19.67
C GLU D 41 -0.55 -23.02 20.70
N SER D 42 -1.80 -23.46 20.91
CA SER D 42 -2.70 -23.01 22.00
C SER D 42 -3.60 -24.14 22.49
N SER D 43 -3.85 -24.20 23.80
CA SER D 43 -4.78 -25.13 24.48
C SER D 43 -6.20 -24.90 23.95
N ALA D 44 -6.50 -23.69 23.51
CA ALA D 44 -7.85 -23.33 23.03
C ALA D 44 -7.77 -22.17 22.04
N TYR D 45 -8.14 -22.40 20.77
CA TYR D 45 -8.22 -21.33 19.73
C TYR D 45 -9.40 -21.55 18.79
N ARG D 46 -10.03 -20.43 18.40
CA ARG D 46 -11.04 -20.39 17.33
C ARG D 46 -10.35 -20.07 16.01
N ILE D 47 -10.87 -20.64 14.91
CA ILE D 47 -10.40 -20.38 13.52
C ILE D 47 -11.51 -19.68 12.74
N SER D 48 -11.16 -18.62 12.02
CA SER D 48 -12.05 -17.82 11.15
C SER D 48 -11.30 -17.54 9.84
N ALA D 49 -12.03 -17.12 8.81
CA ALA D 49 -11.42 -16.98 7.48
C ALA D 49 -12.01 -15.76 6.79
N SER D 50 -11.27 -15.26 5.82
CA SER D 50 -11.76 -14.29 4.83
C SER D 50 -11.07 -14.60 3.52
N ALA D 51 -11.74 -14.26 2.42
CA ALA D 51 -11.21 -14.47 1.05
C ALA D 51 -10.96 -13.12 0.43
N ARG D 52 -9.91 -13.03 -0.35
CA ARG D 52 -9.65 -11.84 -1.19
C ARG D 52 -9.14 -12.34 -2.53
N GLY D 53 -9.99 -12.30 -3.55
CA GLY D 53 -9.61 -12.77 -4.87
C GLY D 53 -9.32 -14.26 -4.82
N LYS D 54 -8.12 -14.64 -5.20
CA LYS D 54 -7.75 -16.06 -5.28
C LYS D 54 -6.88 -16.46 -4.08
N GLU D 55 -7.06 -15.79 -2.94
CA GLU D 55 -6.33 -16.06 -1.67
C GLU D 55 -7.33 -16.14 -0.54
N LEU D 56 -7.02 -16.96 0.44
CA LEU D 56 -7.86 -17.10 1.65
C LEU D 56 -6.95 -16.88 2.84
N ARG D 57 -7.42 -16.10 3.79
CA ARG D 57 -6.66 -15.78 5.03
C ARG D 57 -7.38 -16.48 6.18
N LEU D 58 -6.69 -17.40 6.85
CA LEU D 58 -7.13 -18.02 8.11
C LEU D 58 -6.56 -17.16 9.23
N ILE D 59 -7.37 -16.87 10.26
CA ILE D 59 -6.88 -16.30 11.54
C ILE D 59 -7.06 -17.32 12.66
N LEU D 60 -5.95 -17.71 13.30
CA LEU D 60 -5.95 -18.55 14.52
C LEU D 60 -5.95 -17.63 15.75
N SER D 61 -7.05 -17.67 16.51
CA SER D 61 -7.35 -16.80 17.66
C SER D 61 -7.44 -17.57 18.98
N PRO D 62 -6.41 -17.57 19.85
CA PRO D 62 -6.49 -18.25 21.13
C PRO D 62 -7.54 -17.61 22.02
N LEU D 63 -8.22 -18.38 22.87
CA LEU D 63 -9.27 -17.89 23.78
C LEU D 63 -8.60 -17.24 24.98
N PRO D 64 -9.36 -16.40 25.69
CA PRO D 64 -8.87 -15.79 26.91
C PRO D 64 -8.39 -16.93 27.80
N GLY D 65 -7.14 -16.84 28.28
CA GLY D 65 -6.56 -17.73 29.30
C GLY D 65 -5.77 -18.87 28.69
N ALA D 66 -5.79 -18.99 27.37
CA ALA D 66 -5.14 -20.09 26.73
C ALA D 66 -3.67 -20.10 26.96
N GLN D 67 -3.12 -21.29 26.95
CA GLN D 67 -1.71 -21.44 27.14
C GLN D 67 -1.18 -22.29 26.03
N PRO D 68 0.08 -22.06 25.65
CA PRO D 68 1.05 -21.06 26.07
C PRO D 68 0.73 -19.65 25.64
N GLN D 69 1.53 -18.69 26.06
CA GLN D 69 1.21 -17.33 25.66
C GLN D 69 1.35 -17.22 24.16
N GLN D 70 0.31 -16.66 23.53
CA GLN D 70 0.26 -16.53 22.09
C GLN D 70 -0.66 -15.46 21.55
N GLU D 71 -0.15 -14.69 20.60
CA GLU D 71 -1.00 -13.71 19.88
C GLU D 71 -1.68 -14.42 18.69
N PRO D 72 -2.83 -13.91 18.23
CA PRO D 72 -3.45 -14.41 17.01
C PRO D 72 -2.42 -14.53 15.88
N LEU D 73 -2.59 -15.55 15.03
CA LEU D 73 -1.73 -15.84 13.88
C LEU D 73 -2.58 -15.86 12.60
N ALA D 74 -2.06 -15.24 11.55
CA ALA D 74 -2.70 -15.20 10.21
C ALA D 74 -1.85 -16.00 9.23
N LEU D 75 -2.52 -16.77 8.42
CA LEU D 75 -1.92 -17.54 7.30
C LEU D 75 -2.63 -17.19 6.00
N VAL D 76 -1.90 -16.94 4.93
CA VAL D 76 -2.59 -16.78 3.63
C VAL D 76 -2.28 -18.00 2.80
N PHE D 77 -3.34 -18.60 2.22
CA PHE D 77 -3.27 -19.73 1.27
C PHE D 77 -3.60 -19.24 -0.14
N ARG D 78 -2.89 -19.79 -1.10
CA ARG D 78 -3.35 -19.90 -2.52
C ARG D 78 -3.61 -21.39 -2.83
N PHE D 79 -4.64 -21.71 -3.55
CA PHE D 79 -5.12 -23.11 -3.71
C PHE D 79 -4.50 -23.75 -4.94
N GLY D 80 -3.93 -22.97 -5.86
CA GLY D 80 -3.59 -23.55 -7.17
C GLY D 80 -4.74 -24.42 -7.72
N MET D 81 -4.43 -25.54 -8.33
CA MET D 81 -5.41 -26.27 -9.16
C MET D 81 -6.36 -27.09 -8.27
N SER D 82 -5.94 -27.54 -7.08
CA SER D 82 -6.69 -28.58 -6.33
C SER D 82 -6.82 -28.30 -4.84
N GLY D 83 -6.46 -27.13 -4.34
CA GLY D 83 -6.63 -26.81 -2.91
C GLY D 83 -8.09 -26.75 -2.50
N SER D 84 -8.35 -26.91 -1.21
CA SER D 84 -9.68 -26.94 -0.55
C SER D 84 -9.50 -27.09 0.97
N PHE D 85 -10.57 -26.90 1.72
CA PHE D 85 -10.64 -27.17 3.17
C PHE D 85 -11.72 -28.21 3.44
N GLN D 86 -11.46 -29.14 4.36
CA GLN D 86 -12.45 -30.16 4.82
C GLN D 86 -12.42 -30.23 6.35
N LEU D 87 -13.60 -30.45 6.94
CA LEU D 87 -13.75 -30.82 8.35
C LEU D 87 -13.99 -32.33 8.39
N VAL D 88 -13.02 -33.11 8.87
CA VAL D 88 -13.10 -34.59 8.90
C VAL D 88 -12.90 -35.11 10.32
N PRO D 89 -13.36 -36.34 10.62
CA PRO D 89 -12.90 -37.05 11.81
C PRO D 89 -11.38 -37.24 11.85
N ARG D 90 -10.77 -36.96 13.01
CA ARG D 90 -9.29 -36.87 13.23
C ARG D 90 -8.58 -38.10 12.67
N GLU D 91 -9.17 -39.30 12.77
CA GLU D 91 -8.54 -40.56 12.30
C GLU D 91 -9.09 -40.98 10.94
N GLU D 92 -9.73 -40.09 10.18
CA GLU D 92 -10.11 -40.32 8.76
C GLU D 92 -9.69 -39.12 7.89
N LEU D 93 -8.43 -38.68 8.08
CA LEU D 93 -7.70 -37.69 7.24
C LEU D 93 -7.80 -38.09 5.77
N PRO D 94 -8.21 -37.18 4.87
CA PRO D 94 -8.05 -37.44 3.44
C PRO D 94 -6.57 -37.56 3.05
N ARG D 95 -6.36 -38.12 1.86
CA ARG D 95 -5.05 -38.62 1.38
C ARG D 95 -4.02 -37.51 1.24
N HIS D 96 -4.41 -36.29 0.84
CA HIS D 96 -3.44 -35.18 0.65
C HIS D 96 -3.74 -34.01 1.60
N ALA D 97 -4.11 -34.35 2.81
CA ALA D 97 -4.31 -33.34 3.88
C ALA D 97 -2.92 -32.87 4.30
N HIS D 98 -2.48 -31.72 3.79
CA HIS D 98 -1.09 -31.22 3.92
C HIS D 98 -0.94 -30.32 5.15
N LEU D 99 -2.04 -29.82 5.71
CA LEU D 99 -2.04 -28.94 6.91
C LEU D 99 -3.34 -29.14 7.67
N ARG D 100 -3.24 -29.31 8.99
CA ARG D 100 -4.34 -29.79 9.85
C ARG D 100 -4.35 -29.03 11.18
N PHE D 101 -5.55 -28.63 11.57
CA PHE D 101 -5.91 -28.02 12.87
C PHE D 101 -6.85 -29.00 13.56
N TYR D 102 -6.57 -29.34 14.82
CA TYR D 102 -7.28 -30.38 15.60
C TYR D 102 -8.14 -29.74 16.70
N THR D 103 -9.44 -30.04 16.69
CA THR D 103 -10.39 -29.64 17.73
C THR D 103 -9.91 -30.17 19.09
N ALA D 104 -10.20 -29.42 20.14
CA ALA D 104 -9.91 -29.83 21.48
C ALA D 104 -11.17 -30.42 22.06
N PRO D 105 -11.05 -31.20 23.12
CA PRO D 105 -12.27 -31.77 23.70
C PRO D 105 -13.04 -30.70 24.42
N PRO D 106 -14.35 -30.87 24.51
CA PRO D 106 -15.05 -32.14 24.51
C PRO D 106 -15.60 -32.44 23.13
N GLY D 107 -16.45 -33.44 23.03
CA GLY D 107 -17.07 -33.79 21.77
C GLY D 107 -16.19 -34.57 20.83
N PRO D 108 -16.71 -34.82 19.64
CA PRO D 108 -15.99 -35.58 18.60
C PRO D 108 -14.72 -34.90 18.07
N ARG D 109 -13.57 -35.59 18.16
CA ARG D 109 -12.23 -35.12 17.70
C ARG D 109 -12.24 -34.92 16.18
N LEU D 110 -12.37 -33.69 15.72
CA LEU D 110 -12.37 -33.36 14.27
C LEU D 110 -11.04 -32.72 13.88
N ALA D 111 -10.75 -32.74 12.60
CA ALA D 111 -9.61 -32.05 11.97
C ALA D 111 -10.10 -31.17 10.81
N LEU D 112 -9.76 -29.89 10.85
CA LEU D 112 -9.88 -28.97 9.68
C LEU D 112 -8.58 -29.12 8.90
N CYS D 113 -8.69 -29.43 7.61
CA CYS D 113 -7.53 -29.84 6.77
C CYS D 113 -7.52 -29.01 5.52
N PHE D 114 -6.37 -28.43 5.21
CA PHE D 114 -6.06 -27.95 3.85
C PHE D 114 -5.68 -29.17 3.03
N VAL D 115 -6.51 -29.51 2.03
CA VAL D 115 -6.34 -30.71 1.15
C VAL D 115 -6.01 -30.19 -0.25
N ASP D 116 -4.86 -30.60 -0.78
CA ASP D 116 -4.31 -30.14 -2.08
C ASP D 116 -3.62 -31.32 -2.74
N ILE D 117 -4.39 -32.07 -3.54
CA ILE D 117 -3.90 -33.28 -4.29
C ILE D 117 -2.57 -32.91 -4.95
N ARG D 118 -2.53 -31.87 -5.76
CA ARG D 118 -1.44 -31.64 -6.74
C ARG D 118 -0.29 -30.86 -6.10
N ARG D 119 -0.55 -30.23 -4.94
CA ARG D 119 0.43 -29.43 -4.16
C ARG D 119 0.88 -28.18 -4.94
N PHE D 120 0.03 -27.66 -5.80
CA PHE D 120 0.28 -26.37 -6.50
C PHE D 120 -0.01 -25.22 -5.54
N GLY D 121 -0.94 -25.46 -4.61
CA GLY D 121 -1.24 -24.55 -3.51
C GLY D 121 -0.02 -24.26 -2.64
N ARG D 122 -0.03 -23.10 -2.01
CA ARG D 122 1.05 -22.58 -1.14
C ARG D 122 0.41 -21.89 0.06
N TRP D 123 1.14 -21.78 1.16
CA TRP D 123 0.78 -20.85 2.27
C TRP D 123 2.04 -20.13 2.73
N ASP D 124 1.85 -18.93 3.26
CA ASP D 124 2.93 -18.10 3.83
C ASP D 124 2.58 -17.76 5.28
N LEU D 125 3.57 -17.81 6.15
CA LEU D 125 3.47 -17.12 7.45
C LEU D 125 3.43 -15.62 7.14
N GLY D 126 2.52 -14.87 7.77
CA GLY D 126 2.61 -13.40 7.73
C GLY D 126 1.24 -12.76 7.77
N GLY D 127 0.28 -13.30 7.03
CA GLY D 127 -1.08 -12.74 6.98
C GLY D 127 -1.28 -11.73 5.86
N LYS D 128 -0.21 -11.13 5.33
CA LYS D 128 -0.34 -10.17 4.21
C LYS D 128 -0.89 -10.92 2.97
N TRP D 129 -1.84 -10.30 2.26
CA TRP D 129 -2.17 -10.61 0.86
C TRP D 129 -0.92 -10.46 0.00
N GLN D 130 -0.94 -11.07 -1.15
CA GLN D 130 0.21 -11.04 -2.05
C GLN D 130 0.35 -9.63 -2.56
N PRO D 131 1.50 -8.97 -2.35
CA PRO D 131 1.72 -7.64 -2.92
C PRO D 131 1.61 -7.82 -4.43
N GLY D 132 1.02 -6.87 -5.15
CA GLY D 132 0.93 -6.98 -6.62
C GLY D 132 -0.40 -7.57 -7.06
N ARG D 133 -1.03 -8.48 -6.30
CA ARG D 133 -2.43 -8.84 -6.63
C ARG D 133 -3.31 -7.60 -6.49
N GLY D 134 -4.15 -7.37 -7.47
CA GLY D 134 -5.17 -6.31 -7.43
C GLY D 134 -6.29 -6.63 -6.46
N PRO D 135 -7.29 -5.75 -6.35
CA PRO D 135 -8.40 -5.90 -5.41
C PRO D 135 -9.37 -6.99 -5.85
N CYS D 136 -10.11 -7.53 -4.87
CA CYS D 136 -11.00 -8.68 -5.07
C CYS D 136 -12.18 -8.26 -5.94
N VAL D 137 -12.40 -8.97 -7.04
CA VAL D 137 -13.52 -8.67 -7.96
C VAL D 137 -14.86 -8.91 -7.25
N LEU D 138 -14.84 -9.77 -6.24
CA LEU D 138 -16.07 -10.05 -5.46
C LEU D 138 -16.24 -8.99 -4.39
N GLN D 139 -15.27 -8.75 -3.51
CA GLN D 139 -15.51 -7.95 -2.31
C GLN D 139 -15.02 -6.52 -2.46
N GLU D 140 -14.34 -6.18 -3.53
CA GLU D 140 -13.69 -4.84 -3.65
C GLU D 140 -13.96 -4.29 -5.05
N TYR D 141 -15.22 -4.41 -5.49
CA TYR D 141 -15.59 -4.15 -6.91
C TYR D 141 -15.17 -2.74 -7.32
N GLN D 142 -15.56 -1.73 -6.58
CA GLN D 142 -15.27 -0.35 -7.01
C GLN D 142 -13.75 -0.17 -7.13
N GLN D 143 -13.00 -0.73 -6.17
CA GLN D 143 -11.53 -0.56 -6.14
C GLN D 143 -10.91 -1.31 -7.32
N PHE D 144 -11.38 -2.53 -7.57
CA PHE D 144 -10.97 -3.35 -8.73
C PHE D 144 -11.26 -2.60 -10.04
N ARG D 145 -12.43 -2.00 -10.15
CA ARG D 145 -12.87 -1.32 -11.40
C ARG D 145 -11.88 -0.17 -11.64
N GLU D 146 -11.67 0.69 -10.62
CA GLU D 146 -10.80 1.89 -10.71
C GLU D 146 -9.37 1.42 -11.01
N ASN D 147 -8.89 0.35 -10.36
CA ASN D 147 -7.51 -0.14 -10.55
C ASN D 147 -7.25 -0.50 -12.01
N VAL D 148 -8.25 -0.98 -12.75
CA VAL D 148 -8.10 -1.28 -14.19
C VAL D 148 -8.15 0.01 -15.02
N LEU D 149 -9.20 0.81 -14.89
CA LEU D 149 -9.39 1.99 -15.78
C LEU D 149 -8.25 2.99 -15.58
N ARG D 150 -7.69 3.08 -14.38
CA ARG D 150 -6.56 3.98 -14.01
C ARG D 150 -5.25 3.49 -14.64
N ASN D 151 -5.11 2.23 -15.06
CA ASN D 151 -3.83 1.64 -15.54
C ASN D 151 -3.94 0.99 -16.92
N LEU D 152 -4.79 1.46 -17.82
CA LEU D 152 -4.94 0.83 -19.15
C LEU D 152 -3.64 0.99 -19.96
N ALA D 153 -2.79 1.98 -19.63
CA ALA D 153 -1.54 2.28 -20.38
C ALA D 153 -0.55 1.12 -20.21
N ASP D 154 -0.63 0.41 -19.08
CA ASP D 154 0.20 -0.75 -18.70
C ASP D 154 0.24 -1.78 -19.84
N LYS D 155 1.38 -2.42 -20.05
CA LYS D 155 1.58 -3.28 -21.25
C LYS D 155 0.77 -4.57 -21.08
N ALA D 156 0.31 -4.89 -19.87
CA ALA D 156 -0.60 -6.04 -19.64
C ALA D 156 -1.80 -5.98 -20.59
N PHE D 157 -2.28 -4.78 -20.91
CA PHE D 157 -3.52 -4.58 -21.72
C PHE D 157 -3.23 -4.64 -23.21
N ASP D 158 -1.97 -4.80 -23.62
CA ASP D 158 -1.58 -5.08 -25.02
C ASP D 158 -2.06 -6.48 -25.41
N ARG D 159 -2.14 -7.39 -24.45
CA ARG D 159 -2.44 -8.82 -24.72
C ARG D 159 -3.89 -8.97 -25.12
N PRO D 160 -4.26 -10.13 -25.68
CA PRO D 160 -5.65 -10.52 -25.83
C PRO D 160 -6.40 -10.36 -24.50
N ILE D 161 -7.67 -9.97 -24.63
CA ILE D 161 -8.53 -9.73 -23.46
C ILE D 161 -8.53 -11.02 -22.65
N CYS D 162 -8.60 -12.18 -23.32
CA CYS D 162 -8.73 -13.50 -22.62
C CYS D 162 -7.49 -13.76 -21.75
N GLU D 163 -6.32 -13.25 -22.14
CA GLU D 163 -5.07 -13.40 -21.36
C GLU D 163 -5.05 -12.35 -20.25
N ALA D 164 -5.38 -11.10 -20.54
CA ALA D 164 -5.44 -10.03 -19.51
C ALA D 164 -6.34 -10.47 -18.35
N LEU D 165 -7.48 -11.07 -18.64
CA LEU D 165 -8.47 -11.51 -17.62
C LEU D 165 -7.85 -12.48 -16.59
N LEU D 166 -6.70 -13.12 -16.87
CA LEU D 166 -6.06 -14.05 -15.91
C LEU D 166 -4.95 -13.35 -15.14
N ASP D 167 -4.58 -12.13 -15.50
CA ASP D 167 -3.50 -11.36 -14.85
C ASP D 167 -3.98 -10.90 -13.47
N GLN D 168 -3.53 -11.55 -12.41
CA GLN D 168 -4.12 -11.39 -11.07
C GLN D 168 -3.77 -10.01 -10.53
N ARG D 169 -2.96 -9.24 -11.21
CA ARG D 169 -2.65 -7.85 -10.79
C ARG D 169 -3.88 -6.97 -10.98
N PHE D 170 -4.77 -7.36 -11.89
CA PHE D 170 -5.96 -6.57 -12.31
C PHE D 170 -7.25 -7.34 -12.19
N PHE D 171 -7.23 -8.66 -12.20
CA PHE D 171 -8.49 -9.47 -12.14
C PHE D 171 -8.33 -10.56 -11.10
N ASN D 172 -7.84 -10.15 -9.92
CA ASN D 172 -7.63 -11.01 -8.74
C ASN D 172 -8.93 -11.79 -8.51
N GLY D 173 -8.91 -13.08 -8.77
CA GLY D 173 -10.08 -13.96 -8.57
C GLY D 173 -10.60 -14.54 -9.88
N ILE D 174 -10.27 -13.94 -11.01
CA ILE D 174 -10.73 -14.48 -12.32
C ILE D 174 -9.79 -15.60 -12.73
N GLY D 175 -10.36 -16.77 -13.02
CA GLY D 175 -9.65 -17.89 -13.65
C GLY D 175 -10.35 -18.43 -14.85
N ASN D 176 -10.01 -19.65 -15.25
CA ASN D 176 -10.22 -20.07 -16.66
C ASN D 176 -11.70 -20.16 -17.02
N TYR D 177 -12.51 -20.83 -16.22
CA TYR D 177 -13.95 -20.96 -16.51
C TYR D 177 -14.53 -19.56 -16.47
N LEU D 178 -14.10 -18.73 -15.51
CA LEU D 178 -14.74 -17.39 -15.39
C LEU D 178 -14.45 -16.55 -16.62
N ARG D 179 -13.25 -16.58 -17.21
CA ARG D 179 -12.96 -15.71 -18.38
C ARG D 179 -13.84 -16.15 -19.55
N ALA D 180 -13.97 -17.45 -19.77
CA ALA D 180 -14.80 -17.97 -20.86
C ALA D 180 -16.25 -17.49 -20.65
N GLU D 181 -16.75 -17.61 -19.42
CA GLU D 181 -18.17 -17.34 -19.09
C GLU D 181 -18.44 -15.84 -19.20
N ILE D 182 -17.49 -15.01 -18.80
CA ILE D 182 -17.63 -13.52 -18.78
C ILE D 182 -17.68 -13.03 -20.23
N LEU D 183 -16.74 -13.45 -21.07
CA LEU D 183 -16.68 -13.04 -22.49
C LEU D 183 -17.87 -13.58 -23.29
N TYR D 184 -18.32 -14.80 -23.04
CA TYR D 184 -19.47 -15.39 -23.77
C TYR D 184 -20.71 -14.52 -23.53
N ARG D 185 -20.88 -14.00 -22.33
CA ARG D 185 -22.08 -13.20 -21.97
C ARG D 185 -22.10 -11.87 -22.71
N LEU D 186 -20.94 -11.33 -23.10
CA LEU D 186 -20.88 -10.09 -23.89
C LEU D 186 -20.51 -10.40 -25.34
N LYS D 187 -20.44 -11.68 -25.72
CA LYS D 187 -19.99 -12.07 -27.08
C LYS D 187 -18.80 -11.19 -27.50
N ILE D 188 -17.84 -10.99 -26.59
CA ILE D 188 -16.54 -10.37 -26.90
C ILE D 188 -15.63 -11.50 -27.37
N PRO D 189 -15.09 -11.41 -28.60
CA PRO D 189 -14.03 -12.31 -29.01
C PRO D 189 -12.89 -12.36 -28.00
N PRO D 190 -12.41 -13.56 -27.64
CA PRO D 190 -11.34 -13.71 -26.66
C PRO D 190 -10.01 -13.09 -27.11
N PHE D 191 -9.82 -12.91 -28.40
CA PHE D 191 -8.55 -12.35 -28.94
C PHE D 191 -8.78 -10.93 -29.47
N GLU D 192 -9.83 -10.26 -29.02
CA GLU D 192 -9.91 -8.80 -29.08
C GLU D 192 -8.74 -8.29 -28.23
N LYS D 193 -8.17 -7.13 -28.53
CA LYS D 193 -7.11 -6.51 -27.69
C LYS D 193 -7.76 -5.99 -26.39
N ALA D 194 -7.13 -6.27 -25.24
CA ALA D 194 -7.67 -5.90 -23.92
C ALA D 194 -7.89 -4.38 -23.84
N ARG D 195 -6.91 -3.58 -24.25
CA ARG D 195 -7.02 -2.11 -24.21
C ARG D 195 -8.30 -1.70 -24.96
N SER D 196 -8.49 -2.17 -26.19
CA SER D 196 -9.68 -1.86 -27.03
C SER D 196 -11.00 -2.11 -26.28
N VAL D 197 -11.13 -3.21 -25.55
CA VAL D 197 -12.44 -3.58 -24.96
C VAL D 197 -12.69 -2.69 -23.73
N LEU D 198 -11.63 -2.34 -23.01
CA LEU D 198 -11.67 -1.55 -21.76
C LEU D 198 -11.67 -0.04 -22.01
N GLU D 199 -10.92 0.40 -23.01
CA GLU D 199 -10.77 1.80 -23.32
C GLU D 199 -12.08 2.48 -23.43
N ALA D 200 -13.03 1.78 -24.01
CA ALA D 200 -14.37 2.27 -24.23
C ALA D 200 -15.28 2.09 -23.03
N LEU D 201 -14.88 2.54 -21.85
CA LEU D 201 -15.64 2.26 -20.66
C LEU D 201 -15.45 3.32 -19.63
N GLN D 202 -14.76 4.38 -19.97
CA GLN D 202 -14.56 5.42 -18.98
C GLN D 202 -15.52 6.58 -19.16
N PRO D 223 -24.84 -3.26 -18.51
CA PRO D 223 -23.74 -3.91 -17.75
C PRO D 223 -22.58 -4.30 -18.68
N ASP D 224 -21.35 -3.93 -18.30
CA ASP D 224 -20.15 -3.97 -19.15
C ASP D 224 -19.22 -5.06 -18.64
N LEU D 225 -18.05 -5.21 -19.25
CA LEU D 225 -17.10 -6.31 -18.98
C LEU D 225 -16.53 -6.26 -17.56
N LEU D 226 -16.22 -5.08 -17.04
CA LEU D 226 -15.75 -4.97 -15.64
C LEU D 226 -16.89 -5.30 -14.67
N GLU D 227 -18.13 -4.85 -14.90
CA GLU D 227 -19.28 -5.24 -14.01
C GLU D 227 -19.41 -6.79 -14.00
N LEU D 228 -19.28 -7.44 -15.16
CA LEU D 228 -19.44 -8.90 -15.22
C LEU D 228 -18.30 -9.59 -14.47
N CYS D 229 -17.11 -9.00 -14.40
CA CYS D 229 -15.99 -9.56 -13.61
C CYS D 229 -16.40 -9.69 -12.16
N HIS D 230 -17.40 -8.92 -11.74
CA HIS D 230 -17.97 -8.97 -10.37
C HIS D 230 -19.21 -9.87 -10.41
N SER D 231 -20.20 -9.54 -11.21
CA SER D 231 -21.55 -10.15 -11.13
C SER D 231 -21.50 -11.63 -11.55
N VAL D 232 -20.60 -12.00 -12.46
CA VAL D 232 -20.57 -13.42 -12.93
C VAL D 232 -20.07 -14.31 -11.79
N PRO D 233 -18.89 -14.06 -11.19
CA PRO D 233 -18.43 -14.87 -10.06
C PRO D 233 -19.42 -14.82 -8.89
N LYS D 234 -20.13 -13.71 -8.72
CA LYS D 234 -21.12 -13.59 -7.62
C LYS D 234 -22.21 -14.62 -7.87
N GLU D 235 -22.53 -14.90 -9.11
CA GLU D 235 -23.57 -15.90 -9.46
C GLU D 235 -23.13 -17.27 -8.97
N VAL D 236 -21.87 -17.63 -9.21
CA VAL D 236 -21.29 -18.92 -8.75
C VAL D 236 -21.43 -19.05 -7.23
N VAL D 237 -21.12 -17.97 -6.49
CA VAL D 237 -21.26 -17.94 -5.01
C VAL D 237 -22.73 -18.17 -4.62
N GLN D 238 -23.68 -17.59 -5.33
CA GLN D 238 -25.09 -17.67 -4.90
C GLN D 238 -25.61 -19.07 -5.21
N LEU D 239 -24.96 -19.84 -6.08
CA LEU D 239 -25.30 -21.27 -6.29
C LEU D 239 -25.08 -22.02 -4.98
N GLY D 240 -24.07 -21.58 -4.24
CA GLY D 240 -23.68 -22.14 -2.93
C GLY D 240 -22.80 -23.36 -3.13
N GLY D 241 -22.62 -24.13 -2.06
CA GLY D 241 -22.11 -25.51 -2.08
C GLY D 241 -20.74 -25.64 -2.74
N LYS D 242 -20.64 -26.58 -3.69
CA LYS D 242 -19.39 -27.21 -4.23
C LYS D 242 -18.56 -27.78 -3.05
N GLY D 243 -19.15 -28.66 -2.21
CA GLY D 243 -18.56 -29.28 -0.99
C GLY D 243 -18.48 -28.32 0.19
N TYR D 244 -19.37 -27.31 0.21
CA TYR D 244 -19.31 -26.08 1.04
C TYR D 244 -20.74 -25.63 1.40
N GLY D 249 -24.06 -31.24 -1.49
CA GLY D 249 -22.86 -32.10 -1.56
C GLY D 249 -22.42 -32.41 -3.00
N GLU D 250 -23.14 -33.29 -3.68
CA GLU D 250 -22.81 -33.81 -5.04
C GLU D 250 -23.69 -33.14 -6.12
N GLU D 251 -24.99 -32.95 -5.86
CA GLU D 251 -25.94 -32.16 -6.69
C GLU D 251 -25.45 -30.69 -6.82
N ASP D 252 -24.72 -30.20 -5.81
CA ASP D 252 -23.98 -28.91 -5.83
C ASP D 252 -23.15 -28.81 -7.12
N PHE D 253 -22.45 -29.89 -7.47
CA PHE D 253 -21.61 -30.02 -8.70
C PHE D 253 -22.49 -29.98 -9.96
N ALA D 254 -23.62 -30.72 -9.96
CA ALA D 254 -24.62 -30.72 -11.07
C ALA D 254 -25.14 -29.31 -11.33
N ALA D 255 -25.41 -28.55 -10.27
CA ALA D 255 -25.91 -27.14 -10.31
C ALA D 255 -24.90 -26.24 -11.02
N PHE D 256 -23.61 -26.48 -10.80
CA PHE D 256 -22.51 -25.76 -11.48
C PHE D 256 -22.47 -26.10 -12.98
N ARG D 257 -22.49 -27.38 -13.31
CA ARG D 257 -22.30 -27.82 -14.72
C ARG D 257 -23.46 -27.26 -15.57
N ALA D 258 -24.63 -27.14 -14.94
CA ALA D 258 -25.88 -26.56 -15.48
C ALA D 258 -25.72 -25.04 -15.70
N TRP D 259 -25.14 -24.33 -14.73
CA TRP D 259 -24.91 -22.87 -14.77
C TRP D 259 -23.99 -22.50 -15.93
N LEU D 260 -22.99 -23.33 -16.22
CA LEU D 260 -22.01 -23.01 -17.30
C LEU D 260 -22.75 -22.93 -18.63
N ARG D 261 -22.42 -21.90 -19.43
CA ARG D 261 -22.95 -21.71 -20.79
C ARG D 261 -21.88 -21.98 -21.85
N CYS D 262 -20.59 -21.77 -21.53
CA CYS D 262 -19.50 -21.74 -22.56
C CYS D 262 -18.42 -22.77 -22.23
N TYR D 263 -17.78 -22.65 -21.09
CA TYR D 263 -16.57 -23.44 -20.74
C TYR D 263 -16.91 -24.95 -20.88
N GLY D 264 -16.17 -25.64 -21.72
CA GLY D 264 -16.30 -27.10 -21.93
C GLY D 264 -17.60 -27.50 -22.62
N MET D 265 -18.42 -26.56 -23.08
CA MET D 265 -19.79 -26.89 -23.54
C MET D 265 -19.78 -27.33 -25.01
N PRO D 266 -20.53 -28.41 -25.33
CA PRO D 266 -20.72 -28.80 -26.71
C PRO D 266 -21.12 -27.60 -27.57
N GLY D 267 -20.58 -27.53 -28.79
CA GLY D 267 -20.90 -26.50 -29.79
C GLY D 267 -20.05 -25.26 -29.65
N MET D 268 -19.21 -25.17 -28.63
CA MET D 268 -18.32 -24.01 -28.43
C MET D 268 -16.96 -24.34 -29.01
N SER D 269 -16.25 -23.33 -29.52
CA SER D 269 -14.85 -23.43 -29.95
C SER D 269 -13.96 -23.40 -28.70
N SER D 270 -12.70 -23.75 -28.87
CA SER D 270 -11.61 -23.58 -27.88
C SER D 270 -10.34 -23.27 -28.65
N LEU D 271 -9.46 -22.44 -28.07
CA LEU D 271 -8.07 -22.27 -28.55
C LEU D 271 -7.14 -22.30 -27.33
N GLN D 272 -5.84 -22.43 -27.61
CA GLN D 272 -4.75 -22.19 -26.65
C GLN D 272 -4.40 -20.70 -26.66
N ASP D 273 -4.34 -20.06 -25.49
CA ASP D 273 -3.69 -18.73 -25.33
C ASP D 273 -2.18 -18.95 -25.29
N ARG D 274 -1.38 -17.89 -25.21
CA ARG D 274 0.09 -17.99 -25.41
C ARG D 274 0.75 -18.68 -24.20
N HIS D 275 0.05 -18.89 -23.08
CA HIS D 275 0.61 -19.65 -21.93
C HIS D 275 0.03 -21.06 -21.94
N GLY D 276 -0.62 -21.47 -23.03
CA GLY D 276 -1.09 -22.85 -23.25
C GLY D 276 -2.37 -23.17 -22.49
N ARG D 277 -3.09 -22.18 -21.98
CA ARG D 277 -4.39 -22.34 -21.27
C ARG D 277 -5.54 -22.22 -22.28
N THR D 278 -6.51 -23.12 -22.15
CA THR D 278 -7.65 -23.25 -23.09
C THR D 278 -8.68 -22.17 -22.78
N ILE D 279 -9.01 -21.34 -23.77
CA ILE D 279 -10.13 -20.36 -23.73
C ILE D 279 -11.26 -20.93 -24.58
N TRP D 280 -12.45 -21.00 -23.98
CA TRP D 280 -13.73 -21.37 -24.63
C TRP D 280 -14.49 -20.11 -25.05
N PHE D 281 -15.15 -20.15 -26.20
CA PHE D 281 -15.86 -19.01 -26.85
C PHE D 281 -16.81 -19.54 -27.94
N GLN D 282 -17.69 -18.66 -28.40
CA GLN D 282 -18.63 -18.88 -29.53
C GLN D 282 -18.22 -17.97 -30.68
N GLY D 283 -18.01 -18.53 -31.85
CA GLY D 283 -17.85 -17.72 -33.07
C GLY D 283 -16.51 -17.02 -33.17
N ASP D 284 -16.53 -15.72 -33.42
CA ASP D 284 -15.34 -14.94 -33.89
C ASP D 284 -14.25 -15.12 -32.85
N PRO D 285 -13.12 -15.75 -33.23
CA PRO D 285 -11.95 -15.88 -32.37
C PRO D 285 -11.39 -14.51 -31.98
N GLY D 286 -11.32 -13.59 -32.93
CA GLY D 286 -10.84 -12.22 -32.64
C GLY D 286 -9.50 -11.96 -33.32
N PRO D 287 -9.07 -10.70 -33.45
CA PRO D 287 -7.91 -10.37 -34.27
C PRO D 287 -6.59 -11.00 -33.84
N LEU D 288 -6.26 -11.12 -32.55
CA LEU D 288 -4.90 -11.56 -32.09
C LEU D 288 -4.82 -13.09 -31.93
N ALA D 289 -5.67 -13.83 -32.64
CA ALA D 289 -5.74 -15.30 -32.55
C ALA D 289 -4.45 -15.90 -33.09
N PRO D 290 -4.02 -17.04 -32.54
CA PRO D 290 -2.97 -17.82 -33.20
C PRO D 290 -3.54 -18.47 -34.47
P UMC E 7 -8.61 -25.47 -16.20
N1 UMC E 7 -11.13 -25.04 -10.04
C2 UMC E 7 -12.27 -24.58 -9.57
O2 UMC E 7 -12.45 -23.40 -9.47
N3 UMC E 7 -13.23 -25.39 -9.20
C4 UMC E 7 -13.10 -26.71 -9.29
O4 UMC E 7 -14.04 -27.38 -8.92
C5 UMC E 7 -11.87 -27.38 -9.88
C6 UMC E 7 -10.69 -26.45 -10.04
C1' UMC E 7 -10.24 -24.06 -10.70
O1P UMC E 7 -7.22 -25.34 -16.78
C2' UMC E 7 -8.74 -24.24 -10.57
O2P UMC E 7 -9.77 -24.65 -16.66
C3' UMC E 7 -8.29 -23.62 -11.86
O3' UMC E 7 -8.53 -22.23 -11.70
C4' UMC E 7 -9.30 -24.09 -12.84
O4' UMC E 7 -10.44 -24.36 -12.05
C5' UMC E 7 -9.16 -25.38 -13.59
O5' UMC E 7 -8.30 -25.06 -14.71
N GLY G 2 29.38 7.91 -9.13
CA GLY G 2 28.76 8.74 -8.05
C GLY G 2 28.82 10.23 -8.32
N GLN G 3 28.12 10.97 -7.47
CA GLN G 3 28.09 12.44 -7.44
C GLN G 3 28.78 12.86 -6.16
N GLY G 4 28.79 14.16 -5.88
CA GLY G 4 29.41 14.74 -4.68
C GLY G 4 29.26 13.81 -3.46
N PRO G 5 28.02 13.48 -3.09
CA PRO G 5 27.79 12.70 -1.87
C PRO G 5 28.51 11.35 -1.90
N GLU G 6 28.44 10.67 -3.04
CA GLU G 6 28.99 9.30 -3.19
C GLU G 6 30.51 9.35 -3.01
N LEU G 7 31.16 10.33 -3.68
CA LEU G 7 32.63 10.53 -3.61
C LEU G 7 33.01 10.82 -2.16
N HIS G 8 32.25 11.68 -1.49
CA HIS G 8 32.52 12.08 -0.10
C HIS G 8 32.42 10.84 0.81
N LEU G 9 31.30 10.10 0.71
CA LEU G 9 31.00 8.89 1.52
C LEU G 9 32.08 7.83 1.29
N ALA G 10 32.48 7.64 0.03
CA ALA G 10 33.57 6.74 -0.34
C ALA G 10 34.85 7.16 0.40
N SER G 11 35.14 8.46 0.49
CA SER G 11 36.38 8.95 1.15
C SER G 11 36.30 8.62 2.66
N GLN G 12 35.14 8.83 3.29
CA GLN G 12 34.93 8.52 4.74
C GLN G 12 35.06 7.01 4.95
N PHE G 13 34.61 6.21 3.98
CA PHE G 13 34.66 4.72 4.04
C PHE G 13 36.12 4.28 4.08
N VAL G 14 36.90 4.72 3.10
CA VAL G 14 38.35 4.41 2.99
C VAL G 14 39.02 4.78 4.32
N ASN G 15 38.77 5.97 4.86
CA ASN G 15 39.50 6.46 6.07
C ASN G 15 39.14 5.59 7.28
N GLU G 16 37.84 5.29 7.47
CA GLU G 16 37.32 4.52 8.64
C GLU G 16 37.88 3.08 8.60
N ALA G 17 37.76 2.37 7.46
CA ALA G 17 38.16 0.95 7.29
C ALA G 17 39.69 0.80 7.33
N CYS G 18 40.47 1.90 7.25
CA CYS G 18 41.95 1.92 7.12
C CYS G 18 42.59 2.76 8.24
N VAL G 27 50.57 -2.10 -5.53
CA VAL G 27 49.35 -1.60 -6.22
C VAL G 27 49.09 -2.46 -7.46
N GLU G 28 48.35 -3.56 -7.32
CA GLU G 28 47.96 -4.49 -8.42
C GLU G 28 46.78 -3.90 -9.22
N LYS G 29 46.89 -3.90 -10.56
CA LYS G 29 45.84 -3.40 -11.50
C LYS G 29 45.29 -4.57 -12.31
N SER G 30 43.99 -4.59 -12.64
CA SER G 30 43.40 -5.61 -13.56
C SER G 30 44.07 -5.48 -14.94
N SER G 31 44.08 -6.56 -15.71
CA SER G 31 44.71 -6.57 -17.05
C SER G 31 43.91 -5.70 -18.01
N VAL G 32 42.59 -5.69 -17.84
CA VAL G 32 41.66 -5.08 -18.82
C VAL G 32 41.61 -3.56 -18.63
N SER G 33 41.98 -3.04 -17.44
CA SER G 33 41.96 -1.59 -17.08
C SER G 33 42.95 -0.80 -17.94
N ARG G 34 42.47 0.25 -18.59
CA ARG G 34 43.26 1.16 -19.46
C ARG G 34 43.81 2.31 -18.64
N ASN G 35 43.56 2.37 -17.34
CA ASN G 35 44.22 3.34 -16.42
C ASN G 35 45.69 2.95 -16.21
N PRO G 36 46.55 3.90 -15.75
CA PRO G 36 47.98 3.62 -15.62
C PRO G 36 48.35 2.72 -14.44
N GLU G 37 49.42 1.96 -14.59
CA GLU G 37 50.00 1.18 -13.45
C GLU G 37 50.37 2.17 -12.36
N VAL G 38 50.16 1.81 -11.10
CA VAL G 38 50.51 2.63 -9.91
C VAL G 38 51.94 2.28 -9.48
N PRO G 39 52.98 3.07 -9.86
CA PRO G 39 54.37 2.67 -9.63
C PRO G 39 54.70 3.08 -8.18
N PHE G 40 54.43 2.19 -7.22
CA PHE G 40 54.50 2.51 -5.77
C PHE G 40 53.53 1.61 -4.99
N TYR G 45 52.15 0.55 4.44
CA TYR G 45 51.52 1.86 4.10
C TYR G 45 50.19 2.02 4.84
N ARG G 46 49.81 3.26 5.11
CA ARG G 46 48.42 3.64 5.47
C ARG G 46 47.73 4.07 4.18
N ILE G 47 46.40 3.92 4.10
CA ILE G 47 45.52 4.56 3.06
C ILE G 47 44.65 5.59 3.77
N SER G 48 44.70 6.83 3.29
CA SER G 48 43.86 7.97 3.73
C SER G 48 43.18 8.55 2.48
N ALA G 49 42.02 9.18 2.63
CA ALA G 49 41.26 9.70 1.49
C ALA G 49 40.67 11.06 1.84
N SER G 50 40.44 11.86 0.81
CA SER G 50 39.63 13.09 0.88
C SER G 50 38.84 13.18 -0.43
N ALA G 51 37.69 13.84 -0.41
CA ALA G 51 36.90 14.15 -1.62
C ALA G 51 36.90 15.66 -1.86
N ARG G 52 36.70 16.09 -3.11
CA ARG G 52 36.32 17.48 -3.50
C ARG G 52 35.40 17.40 -4.71
N GLY G 53 34.12 17.72 -4.52
CA GLY G 53 33.11 17.66 -5.61
C GLY G 53 33.03 16.24 -6.13
N LYS G 54 33.27 16.05 -7.42
CA LYS G 54 33.12 14.70 -8.02
C LYS G 54 34.48 13.99 -8.18
N GLU G 55 35.47 14.29 -7.32
CA GLU G 55 36.84 13.68 -7.35
C GLU G 55 37.24 13.22 -5.95
N LEU G 56 37.96 12.12 -5.84
CA LEU G 56 38.43 11.55 -4.55
C LEU G 56 39.94 11.43 -4.67
N ARG G 57 40.68 11.84 -3.63
CA ARG G 57 42.16 11.75 -3.55
C ARG G 57 42.48 10.66 -2.52
N LEU G 58 43.13 9.58 -2.96
CA LEU G 58 43.74 8.56 -2.06
C LEU G 58 45.18 9.02 -1.81
N ILE G 59 45.65 9.10 -0.55
CA ILE G 59 47.06 9.40 -0.15
C ILE G 59 47.64 8.13 0.49
N LEU G 60 48.56 7.46 -0.20
CA LEU G 60 49.27 6.26 0.35
C LEU G 60 50.60 6.75 0.93
N SER G 61 50.74 6.77 2.27
CA SER G 61 51.99 7.11 3.00
C SER G 61 52.61 5.82 3.57
N PRO G 62 53.90 5.54 3.24
CA PRO G 62 54.64 4.37 3.76
C PRO G 62 54.75 4.34 5.29
N VAL G 76 44.14 11.16 -7.64
CA VAL G 76 42.80 11.61 -8.13
C VAL G 76 42.10 10.43 -8.82
N PHE G 77 40.93 10.06 -8.32
CA PHE G 77 40.03 9.06 -8.94
C PHE G 77 38.72 9.78 -9.25
N ARG G 78 38.27 9.74 -10.52
CA ARG G 78 36.88 10.05 -10.94
C ARG G 78 36.13 8.73 -11.06
N PHE G 79 34.89 8.66 -10.60
CA PHE G 79 34.15 7.38 -10.53
C PHE G 79 33.35 7.15 -11.81
N GLY G 80 33.15 8.15 -12.65
CA GLY G 80 32.19 7.98 -13.76
C GLY G 80 30.89 7.35 -13.24
N MET G 81 30.30 6.41 -13.97
CA MET G 81 28.93 5.95 -13.64
C MET G 81 28.94 4.97 -12.47
N SER G 82 30.02 4.20 -12.25
CA SER G 82 29.95 2.97 -11.40
C SER G 82 31.17 2.77 -10.50
N GLY G 83 32.05 3.76 -10.35
CA GLY G 83 33.21 3.60 -9.46
C GLY G 83 32.80 3.48 -7.99
N SER G 84 33.68 2.93 -7.16
CA SER G 84 33.46 2.62 -5.72
C SER G 84 34.71 1.99 -5.12
N PHE G 85 34.80 1.90 -3.79
CA PHE G 85 35.87 1.17 -3.05
C PHE G 85 35.28 0.09 -2.15
N GLN G 86 35.94 -1.06 -2.02
CA GLN G 86 35.49 -2.18 -1.13
C GLN G 86 36.70 -2.75 -0.37
N LEU G 87 36.53 -3.14 0.90
CA LEU G 87 37.50 -4.01 1.63
C LEU G 87 36.99 -5.45 1.58
N VAL G 88 37.69 -6.34 0.86
CA VAL G 88 37.30 -7.77 0.64
C VAL G 88 38.42 -8.70 1.13
N PRO G 89 38.10 -9.98 1.39
CA PRO G 89 39.15 -11.00 1.54
C PRO G 89 40.07 -11.09 0.32
N ARG G 90 41.39 -11.18 0.55
CA ARG G 90 42.47 -11.29 -0.48
C ARG G 90 42.10 -12.33 -1.57
N GLU G 91 41.47 -13.44 -1.19
CA GLU G 91 41.13 -14.57 -2.10
C GLU G 91 39.69 -14.46 -2.62
N GLU G 92 38.95 -13.40 -2.29
CA GLU G 92 37.51 -13.24 -2.65
C GLU G 92 37.24 -11.86 -3.31
N LEU G 93 38.11 -11.45 -4.25
CA LEU G 93 38.04 -10.12 -4.93
C LEU G 93 36.72 -10.04 -5.68
N PRO G 94 35.97 -8.92 -5.54
CA PRO G 94 34.84 -8.71 -6.45
C PRO G 94 35.28 -8.58 -7.93
N ARG G 95 34.32 -8.80 -8.82
CA ARG G 95 34.53 -8.63 -10.27
C ARG G 95 34.67 -7.13 -10.53
N HIS G 96 35.50 -6.80 -11.50
CA HIS G 96 35.77 -5.40 -11.92
C HIS G 96 36.50 -4.66 -10.79
N ALA G 97 37.13 -5.37 -9.86
CA ALA G 97 38.20 -4.79 -9.01
C ALA G 97 39.38 -4.46 -9.94
N HIS G 98 39.51 -3.21 -10.37
CA HIS G 98 40.49 -2.77 -11.39
C HIS G 98 41.80 -2.32 -10.74
N LEU G 99 41.80 -2.05 -9.44
CA LEU G 99 43.02 -1.67 -8.66
C LEU G 99 42.85 -2.18 -7.22
N ARG G 100 43.93 -2.69 -6.63
CA ARG G 100 43.91 -3.45 -5.35
C ARG G 100 45.15 -3.11 -4.51
N PHE G 101 44.93 -2.88 -3.22
CA PHE G 101 45.96 -2.66 -2.18
C PHE G 101 45.78 -3.80 -1.16
N TYR G 102 46.83 -4.56 -0.83
CA TYR G 102 46.66 -5.67 0.08
C TYR G 102 47.25 -5.46 1.47
N THR G 103 46.58 -6.04 2.45
CA THR G 103 47.00 -5.95 3.82
C THR G 103 48.30 -6.69 3.97
N ALA G 104 49.33 -5.99 4.39
CA ALA G 104 50.64 -6.57 4.60
C ALA G 104 50.57 -7.45 5.84
N PRO G 105 51.21 -8.63 5.79
CA PRO G 105 51.28 -9.67 6.82
C PRO G 105 51.40 -9.11 8.23
N PRO G 106 50.50 -9.57 9.12
CA PRO G 106 49.79 -10.83 9.07
C PRO G 106 48.31 -10.61 9.32
N GLY G 107 47.48 -11.61 9.06
CA GLY G 107 46.05 -11.49 9.26
C GLY G 107 45.45 -10.30 8.54
N ALA G 111 42.03 -7.10 1.17
CA ALA G 111 42.33 -6.26 -0.02
C ALA G 111 41.33 -5.10 -0.17
N LEU G 112 41.83 -3.86 -0.25
CA LEU G 112 41.04 -2.66 -0.64
C LEU G 112 41.06 -2.57 -2.16
N CYS G 113 39.90 -2.50 -2.80
CA CYS G 113 39.75 -2.56 -4.28
C CYS G 113 39.00 -1.31 -4.77
N PHE G 114 39.52 -0.61 -5.79
CA PHE G 114 38.72 0.29 -6.65
C PHE G 114 37.92 -0.58 -7.60
N VAL G 115 36.59 -0.57 -7.48
CA VAL G 115 35.64 -1.40 -8.28
C VAL G 115 34.86 -0.45 -9.19
N ASP G 116 34.93 -0.67 -10.50
CA ASP G 116 34.27 0.16 -11.53
C ASP G 116 33.76 -0.77 -12.64
N ILE G 117 32.51 -1.24 -12.50
CA ILE G 117 31.82 -2.15 -13.44
C ILE G 117 32.07 -1.63 -14.87
N ARG G 118 31.72 -0.37 -15.14
CA ARG G 118 31.56 0.15 -16.52
C ARG G 118 32.90 0.71 -17.03
N ARG G 119 33.86 0.96 -16.13
CA ARG G 119 35.23 1.46 -16.46
C ARG G 119 35.15 2.87 -17.04
N PHE G 120 34.14 3.66 -16.72
CA PHE G 120 34.09 5.09 -17.12
C PHE G 120 34.97 5.91 -16.15
N GLY G 121 35.15 5.39 -14.95
CA GLY G 121 36.06 5.94 -13.95
C GLY G 121 37.49 5.93 -14.44
N ARG G 122 38.30 6.82 -13.89
CA ARG G 122 39.73 7.00 -14.26
C ARG G 122 40.52 7.32 -12.98
N TRP G 123 41.82 6.99 -12.98
CA TRP G 123 42.75 7.54 -11.97
C TRP G 123 43.98 8.12 -12.66
N ASP G 124 44.55 9.14 -12.03
CA ASP G 124 45.71 9.93 -12.54
C ASP G 124 46.80 9.92 -11.47
N LEU G 125 48.04 9.61 -11.87
CA LEU G 125 49.24 9.82 -11.00
C LEU G 125 49.32 11.33 -10.75
N GLY G 126 49.45 11.77 -9.48
CA GLY G 126 49.41 13.19 -9.11
C GLY G 126 48.14 13.53 -8.35
N GLY G 127 48.27 14.32 -7.29
CA GLY G 127 47.17 14.65 -6.36
C GLY G 127 46.35 15.86 -6.79
N LYS G 128 46.66 16.44 -7.96
CA LYS G 128 46.02 17.69 -8.45
C LYS G 128 44.51 17.43 -8.63
N TRP G 129 43.68 18.36 -8.15
CA TRP G 129 42.27 18.51 -8.59
C TRP G 129 42.28 18.81 -10.08
N GLN G 130 41.21 18.49 -10.78
CA GLN G 130 41.10 18.82 -12.21
C GLN G 130 40.99 20.33 -12.30
N PRO G 131 41.87 21.01 -13.04
CA PRO G 131 41.75 22.46 -13.21
C PRO G 131 40.40 22.68 -13.90
N GLY G 132 39.74 23.78 -13.61
CA GLY G 132 38.50 24.19 -14.31
C GLY G 132 37.28 23.83 -13.47
N ARG G 133 37.32 22.72 -12.74
CA ARG G 133 36.21 22.36 -11.81
C ARG G 133 36.13 23.47 -10.76
N GLY G 134 34.91 23.96 -10.52
CA GLY G 134 34.61 24.93 -9.45
C GLY G 134 34.76 24.30 -8.07
N PRO G 135 34.47 25.07 -7.00
CA PRO G 135 34.67 24.62 -5.62
C PRO G 135 33.57 23.61 -5.23
N CYS G 136 33.86 22.79 -4.24
CA CYS G 136 33.00 21.66 -3.81
C CYS G 136 31.77 22.26 -3.13
N VAL G 137 30.59 21.91 -3.63
CA VAL G 137 29.31 22.44 -3.09
C VAL G 137 29.14 21.95 -1.65
N LEU G 138 29.79 20.85 -1.30
CA LEU G 138 29.74 20.30 0.07
C LEU G 138 30.73 21.05 0.96
N GLN G 139 32.01 21.09 0.61
CA GLN G 139 33.05 21.55 1.58
C GLN G 139 33.48 22.98 1.32
N GLU G 140 33.03 23.63 0.24
CA GLU G 140 33.53 24.97 -0.13
C GLU G 140 32.32 25.86 -0.46
N TYR G 141 31.24 25.78 0.33
CA TYR G 141 29.93 26.39 -0.03
C TYR G 141 30.09 27.89 -0.33
N GLN G 142 30.69 28.67 0.55
CA GLN G 142 30.68 30.14 0.32
C GLN G 142 31.47 30.43 -0.97
N GLN G 143 32.56 29.69 -1.22
CA GLN G 143 33.43 29.90 -2.41
C GLN G 143 32.64 29.50 -3.66
N PHE G 144 31.94 28.37 -3.60
CA PHE G 144 31.04 27.89 -4.67
C PHE G 144 29.95 28.93 -4.94
N ARG G 145 29.34 29.47 -3.88
CA ARG G 145 28.20 30.42 -4.00
C ARG G 145 28.71 31.67 -4.74
N GLU G 146 29.83 32.24 -4.29
CA GLU G 146 30.44 33.46 -4.87
C GLU G 146 30.80 33.15 -6.33
N ASN G 147 31.40 31.98 -6.60
CA ASN G 147 31.83 31.57 -7.97
C ASN G 147 30.68 31.67 -8.97
N VAL G 148 29.44 31.39 -8.52
CA VAL G 148 28.20 31.47 -9.37
C VAL G 148 27.78 32.93 -9.51
N LEU G 149 27.45 33.58 -8.39
CA LEU G 149 26.81 34.93 -8.40
C LEU G 149 27.74 35.94 -9.10
N ARG G 150 29.06 35.78 -8.94
CA ARG G 150 30.11 36.68 -9.48
C ARG G 150 30.22 36.52 -11.00
N ASN G 151 29.79 35.39 -11.59
CA ASN G 151 30.05 35.12 -13.03
C ASN G 151 28.76 34.76 -13.78
N LEU G 152 27.63 35.40 -13.46
CA LEU G 152 26.33 35.22 -14.15
C LEU G 152 26.47 35.59 -15.64
N ALA G 153 27.39 36.50 -15.99
CA ALA G 153 27.58 37.02 -17.37
C ALA G 153 28.08 35.91 -18.31
N ASP G 154 28.86 34.97 -17.77
CA ASP G 154 29.47 33.83 -18.49
C ASP G 154 28.40 33.06 -19.29
N LYS G 155 28.77 32.56 -20.46
CA LYS G 155 27.84 31.92 -21.43
C LYS G 155 27.26 30.63 -20.84
N ALA G 156 27.91 30.03 -19.84
CA ALA G 156 27.42 28.81 -19.16
C ALA G 156 25.94 29.00 -18.75
N PHE G 157 25.58 30.22 -18.32
CA PHE G 157 24.25 30.54 -17.72
C PHE G 157 23.21 30.84 -18.80
N ASP G 158 23.60 30.81 -20.08
CA ASP G 158 22.67 30.88 -21.23
C ASP G 158 21.83 29.60 -21.29
N ARG G 159 22.37 28.48 -20.81
CA ARG G 159 21.73 27.15 -20.96
C ARG G 159 20.49 27.07 -20.07
N PRO G 160 19.57 26.11 -20.32
CA PRO G 160 18.51 25.80 -19.36
C PRO G 160 19.11 25.53 -17.98
N ILE G 161 18.39 25.89 -16.92
CA ILE G 161 18.92 25.78 -15.54
C ILE G 161 19.28 24.31 -15.32
N CYS G 162 18.48 23.36 -15.82
CA CYS G 162 18.69 21.91 -15.55
C CYS G 162 20.01 21.47 -16.20
N GLU G 163 20.42 22.09 -17.30
CA GLU G 163 21.73 21.79 -17.95
C GLU G 163 22.84 22.52 -17.18
N ALA G 164 22.66 23.80 -16.88
CA ALA G 164 23.66 24.61 -16.14
C ALA G 164 24.05 23.89 -14.83
N LEU G 165 23.09 23.31 -14.12
CA LEU G 165 23.33 22.68 -12.80
C LEU G 165 24.29 21.49 -12.93
N LEU G 166 24.55 20.97 -14.13
CA LEU G 166 25.52 19.85 -14.34
C LEU G 166 26.91 20.39 -14.76
N ASP G 167 27.04 21.68 -15.08
CA ASP G 167 28.33 22.29 -15.53
C ASP G 167 29.34 22.32 -14.37
N GLN G 168 30.29 21.40 -14.31
CA GLN G 168 31.12 21.18 -13.10
C GLN G 168 32.07 22.36 -12.89
N ARG G 169 32.13 23.32 -13.81
CA ARG G 169 32.96 24.54 -13.61
C ARG G 169 32.35 25.41 -12.50
N PHE G 170 31.04 25.27 -12.31
CA PHE G 170 30.23 26.09 -11.37
C PHE G 170 29.50 25.21 -10.33
N PHE G 171 29.25 23.94 -10.59
CA PHE G 171 28.45 23.07 -9.68
C PHE G 171 29.19 21.76 -9.44
N ASN G 172 30.47 21.86 -9.10
CA ASN G 172 31.35 20.68 -8.88
C ASN G 172 30.70 19.78 -7.83
N GLY G 173 30.23 18.62 -8.24
CA GLY G 173 29.58 17.65 -7.34
C GLY G 173 28.14 17.41 -7.76
N ILE G 174 27.48 18.38 -8.39
CA ILE G 174 26.02 18.28 -8.70
C ILE G 174 25.87 17.41 -9.94
N GLY G 175 25.11 16.29 -9.84
CA GLY G 175 24.76 15.40 -10.97
C GLY G 175 23.26 15.16 -11.07
N ASN G 176 22.87 14.12 -11.78
CA ASN G 176 21.51 14.03 -12.38
C ASN G 176 20.42 14.01 -11.31
N TYR G 177 20.50 13.11 -10.34
CA TYR G 177 19.45 13.01 -9.31
C TYR G 177 19.49 14.33 -8.53
N LEU G 178 20.68 14.89 -8.26
CA LEU G 178 20.75 16.12 -7.44
C LEU G 178 20.03 17.29 -8.15
N ARG G 179 20.16 17.46 -9.45
CA ARG G 179 19.51 18.62 -10.14
C ARG G 179 17.99 18.45 -10.05
N ALA G 180 17.47 17.24 -10.26
CA ALA G 180 16.02 16.98 -10.20
C ALA G 180 15.53 17.33 -8.81
N GLU G 181 16.26 16.89 -7.77
CA GLU G 181 15.82 17.01 -6.36
C GLU G 181 15.85 18.48 -5.95
N ILE G 182 16.87 19.21 -6.41
CA ILE G 182 17.07 20.64 -6.05
C ILE G 182 15.94 21.47 -6.67
N LEU G 183 15.68 21.30 -7.97
CA LEU G 183 14.62 22.06 -8.69
C LEU G 183 13.22 21.72 -8.14
N TYR G 184 12.92 20.45 -7.85
CA TYR G 184 11.58 20.02 -7.33
C TYR G 184 11.27 20.79 -6.04
N ARG G 185 12.29 20.99 -5.18
CA ARG G 185 12.12 21.63 -3.86
C ARG G 185 11.71 23.11 -4.03
N LEU G 186 12.11 23.78 -5.12
CA LEU G 186 11.70 25.18 -5.35
C LEU G 186 10.68 25.25 -6.49
N LYS G 187 10.20 24.11 -6.98
CA LYS G 187 9.30 24.06 -8.18
C LYS G 187 9.78 25.08 -9.23
N ILE G 188 11.10 25.12 -9.51
CA ILE G 188 11.66 25.87 -10.67
C ILE G 188 11.55 24.97 -11.90
N PRO G 189 10.84 25.37 -12.98
CA PRO G 189 10.86 24.63 -14.24
C PRO G 189 12.27 24.35 -14.75
N PRO G 190 12.57 23.09 -15.12
CA PRO G 190 13.93 22.71 -15.54
C PRO G 190 14.44 23.45 -16.79
N PHE G 191 13.53 23.96 -17.63
CA PHE G 191 13.91 24.65 -18.88
C PHE G 191 13.65 26.16 -18.76
N GLU G 192 13.50 26.68 -17.54
CA GLU G 192 13.75 28.12 -17.27
C GLU G 192 15.21 28.37 -17.66
N LYS G 193 15.56 29.58 -18.12
CA LYS G 193 16.98 29.93 -18.44
C LYS G 193 17.74 30.10 -17.12
N ALA G 194 18.96 29.59 -17.05
CA ALA G 194 19.81 29.62 -15.83
C ALA G 194 19.98 31.07 -15.35
N ARG G 195 20.35 31.99 -16.24
CA ARG G 195 20.58 33.40 -15.84
C ARG G 195 19.30 33.93 -15.19
N SER G 196 18.13 33.75 -15.81
CA SER G 196 16.81 34.21 -15.30
C SER G 196 16.57 33.73 -13.84
N VAL G 197 16.90 32.49 -13.53
CA VAL G 197 16.57 31.87 -12.21
C VAL G 197 17.51 32.47 -11.15
N LEU G 198 18.79 32.66 -11.53
CA LEU G 198 19.88 33.13 -10.63
C LEU G 198 19.87 34.68 -10.52
N GLU G 199 19.52 35.41 -11.58
CA GLU G 199 19.36 36.89 -11.56
C GLU G 199 18.47 37.26 -10.38
N ALA G 200 17.32 36.57 -10.23
CA ALA G 200 16.30 36.75 -9.16
C ALA G 200 16.97 37.00 -7.80
N PRO G 223 15.32 29.37 2.06
CA PRO G 223 16.49 28.89 1.31
C PRO G 223 16.30 29.06 -0.21
N ASP G 224 17.34 29.45 -0.93
CA ASP G 224 17.32 29.69 -2.39
C ASP G 224 18.04 28.53 -3.10
N LEU G 225 18.13 28.60 -4.43
CA LEU G 225 18.66 27.53 -5.31
C LEU G 225 20.13 27.23 -5.01
N LEU G 226 20.96 28.24 -4.78
CA LEU G 226 22.39 28.03 -4.45
C LEU G 226 22.53 27.40 -3.06
N GLU G 227 21.74 27.81 -2.06
CA GLU G 227 21.79 27.14 -0.73
C GLU G 227 21.45 25.65 -0.87
N LEU G 228 20.46 25.33 -1.69
CA LEU G 228 20.03 23.91 -1.87
C LEU G 228 21.15 23.13 -2.56
N CYS G 229 21.95 23.76 -3.43
CA CYS G 229 23.10 23.09 -4.09
C CYS G 229 24.08 22.59 -3.02
N HIS G 230 24.05 23.18 -1.82
CA HIS G 230 24.86 22.72 -0.67
C HIS G 230 24.02 21.78 0.18
N SER G 231 22.87 22.25 0.67
CA SER G 231 22.11 21.55 1.76
C SER G 231 21.55 20.21 1.24
N VAL G 232 21.19 20.13 -0.04
CA VAL G 232 20.56 18.90 -0.58
C VAL G 232 21.61 17.78 -0.61
N PRO G 233 22.79 17.94 -1.26
CA PRO G 233 23.81 16.90 -1.20
C PRO G 233 24.23 16.58 0.24
N LYS G 234 24.22 17.55 1.14
CA LYS G 234 24.62 17.32 2.55
C LYS G 234 23.63 16.31 3.14
N GLU G 235 22.38 16.35 2.70
CA GLU G 235 21.35 15.42 3.22
C GLU G 235 21.72 13.99 2.82
N VAL G 236 22.14 13.81 1.57
CA VAL G 236 22.55 12.48 1.04
C VAL G 236 23.73 11.95 1.85
N VAL G 237 24.69 12.80 2.21
CA VAL G 237 25.82 12.40 3.10
C VAL G 237 25.29 11.94 4.48
N GLN G 238 24.29 12.61 5.02
CA GLN G 238 23.65 12.30 6.33
C GLN G 238 23.00 10.91 6.27
N LEU G 239 22.55 10.47 5.09
CA LEU G 239 22.18 9.05 4.83
C LEU G 239 23.37 8.15 5.24
N GLU G 250 22.24 -4.09 0.44
CA GLU G 250 20.96 -3.83 -0.27
C GLU G 250 20.23 -2.63 0.37
N GLU G 251 20.12 -2.62 1.71
CA GLU G 251 19.29 -1.67 2.50
C GLU G 251 19.81 -0.24 2.31
N ASP G 252 21.13 -0.08 2.07
CA ASP G 252 21.79 1.19 1.66
C ASP G 252 20.97 1.87 0.55
N PHE G 253 20.59 1.10 -0.47
CA PHE G 253 19.81 1.57 -1.66
C PHE G 253 18.38 1.98 -1.23
N ALA G 254 17.72 1.17 -0.38
CA ALA G 254 16.32 1.37 0.08
C ALA G 254 16.17 2.77 0.72
N ALA G 255 17.10 3.12 1.60
CA ALA G 255 17.14 4.38 2.37
C ALA G 255 17.21 5.57 1.40
N PHE G 256 17.99 5.43 0.34
CA PHE G 256 18.16 6.45 -0.73
C PHE G 256 16.85 6.65 -1.51
N ARG G 257 16.25 5.55 -1.99
CA ARG G 257 15.08 5.63 -2.89
C ARG G 257 13.92 6.29 -2.13
N ALA G 258 13.89 6.08 -0.81
CA ALA G 258 12.93 6.67 0.16
C ALA G 258 13.15 8.18 0.28
N TRP G 259 14.41 8.61 0.40
CA TRP G 259 14.81 10.05 0.53
C TRP G 259 14.35 10.85 -0.71
N LEU G 260 14.43 10.25 -1.88
CA LEU G 260 14.09 10.92 -3.16
C LEU G 260 12.64 11.41 -3.13
N ARG G 261 12.42 12.61 -3.66
CA ARG G 261 11.09 13.24 -3.85
C ARG G 261 10.70 13.27 -5.32
N CYS G 262 11.66 13.35 -6.25
CA CYS G 262 11.39 13.66 -7.68
C CYS G 262 11.99 12.59 -8.60
N TYR G 263 13.31 12.43 -8.55
CA TYR G 263 14.06 11.59 -9.52
C TYR G 263 13.47 10.18 -9.52
N GLY G 264 13.00 9.74 -10.69
CA GLY G 264 12.44 8.39 -10.92
C GLY G 264 11.14 8.13 -10.17
N MET G 265 10.51 9.16 -9.61
CA MET G 265 9.31 8.96 -8.76
C MET G 265 8.04 8.86 -9.62
N PRO G 266 7.16 7.88 -9.33
CA PRO G 266 5.84 7.83 -9.97
C PRO G 266 5.15 9.19 -9.89
N GLY G 267 4.49 9.61 -10.97
CA GLY G 267 3.68 10.84 -11.03
C GLY G 267 4.50 12.08 -11.38
N MET G 268 5.80 11.93 -11.56
CA MET G 268 6.68 13.03 -12.03
C MET G 268 6.84 12.91 -13.55
N SER G 269 7.01 14.03 -14.24
CA SER G 269 7.37 14.07 -15.67
C SER G 269 8.86 13.76 -15.81
N SER G 270 9.31 13.50 -17.04
CA SER G 270 10.74 13.42 -17.42
C SER G 270 10.90 13.95 -18.84
N LEU G 271 12.01 14.61 -19.16
CA LEU G 271 12.36 15.05 -20.52
C LEU G 271 13.85 14.75 -20.74
N GLN G 272 14.29 14.72 -22.01
CA GLN G 272 15.73 14.73 -22.40
C GLN G 272 16.21 16.18 -22.48
N ASP G 273 17.34 16.52 -21.84
CA ASP G 273 18.08 17.78 -22.10
C ASP G 273 18.86 17.60 -23.40
N ARG G 274 19.58 18.62 -23.87
CA ARG G 274 20.18 18.63 -25.23
C ARG G 274 21.38 17.67 -25.27
N HIS G 275 21.88 17.16 -24.15
CA HIS G 275 22.96 16.13 -24.17
C HIS G 275 22.36 14.74 -23.91
N GLY G 276 21.03 14.62 -23.98
CA GLY G 276 20.34 13.33 -23.94
C GLY G 276 20.17 12.79 -22.52
N ARG G 277 20.40 13.61 -21.50
CA ARG G 277 20.25 13.23 -20.07
C ARG G 277 18.84 13.56 -19.56
N THR G 278 18.25 12.64 -18.82
CA THR G 278 16.86 12.70 -18.31
C THR G 278 16.80 13.66 -17.12
N ILE G 279 15.98 14.71 -17.22
CA ILE G 279 15.61 15.59 -16.07
C ILE G 279 14.20 15.21 -15.58
N TRP G 280 14.07 14.93 -14.29
CA TRP G 280 12.77 14.70 -13.59
C TRP G 280 12.29 16.01 -12.95
N PHE G 281 10.98 16.25 -12.98
CA PHE G 281 10.31 17.50 -12.53
C PHE G 281 8.80 17.25 -12.37
N GLN G 282 8.11 18.22 -11.73
CA GLN G 282 6.63 18.28 -11.61
C GLN G 282 6.14 19.49 -12.39
N GLY G 283 5.10 19.33 -13.20
CA GLY G 283 4.39 20.45 -13.84
C GLY G 283 5.20 21.11 -14.95
N ASP G 284 5.30 22.44 -14.91
CA ASP G 284 5.72 23.29 -16.05
C ASP G 284 7.11 22.83 -16.50
N PRO G 285 7.24 22.32 -17.75
CA PRO G 285 8.54 22.00 -18.33
C PRO G 285 9.45 23.23 -18.43
N GLY G 286 8.92 24.37 -18.85
CA GLY G 286 9.69 25.63 -18.98
C GLY G 286 9.95 26.03 -20.43
N PRO G 287 10.32 27.30 -20.68
CA PRO G 287 10.41 27.82 -22.04
C PRO G 287 11.36 27.09 -22.99
N LEU G 288 12.57 26.72 -22.57
CA LEU G 288 13.66 26.29 -23.48
C LEU G 288 13.63 24.78 -23.73
N ALA G 289 12.46 24.14 -23.62
CA ALA G 289 12.30 22.70 -23.97
C ALA G 289 12.61 22.52 -25.45
P UMC H 7 21.62 8.63 -14.37
N1 UMC H 7 25.50 7.14 -9.19
C2 UMC H 7 25.53 7.29 -7.87
O2 UMC H 7 25.60 8.40 -7.39
N3 UMC H 7 25.48 6.23 -7.08
C4 UMC H 7 25.44 4.98 -7.56
O4 UMC H 7 25.37 4.04 -6.81
C5 UMC H 7 25.51 4.68 -9.03
C6 UMC H 7 25.27 5.89 -9.92
C1' UMC H 7 25.55 8.36 -10.00
O1P UMC H 7 21.73 8.94 -15.84
C2' UMC H 7 26.43 8.33 -11.24
O2P UMC H 7 20.76 9.50 -13.46
C3' UMC H 7 25.67 9.31 -12.10
O3' UMC H 7 26.02 10.58 -11.60
C4' UMC H 7 24.21 9.09 -11.79
O4' UMC H 7 24.22 8.60 -10.45
C5' UMC H 7 23.53 8.05 -12.67
O5' UMC H 7 23.14 8.64 -13.89
C1 GOL J . -13.08 -9.38 3.48
O1 GOL J . -14.01 -8.77 4.38
C2 GOL J . -11.90 -8.48 3.14
O2 GOL J . -12.36 -7.20 2.69
C3 GOL J . -11.00 -9.12 2.09
O3 GOL J . -11.32 -8.67 0.78
#